data_9R3J
#
_entry.id   9R3J
#
_cell.length_a   131.299
_cell.length_b   222.293
_cell.length_c   86.211
_cell.angle_alpha   90.000
_cell.angle_beta   90.000
_cell.angle_gamma   90.000
#
_symmetry.space_group_name_H-M   'C 2 2 2'
#
loop_
_entity.id
_entity.type
_entity.pdbx_description
1 polymer 'Amine oxidase [flavin-containing] B'
2 non-polymer 'FLAVIN-ADENINE DINUCLEOTIDE'
3 non-polymer N-DODECYL-N,N-DIMETHYL-3-AMMONIO-1-PROPANESULFONATE
4 non-polymer (~{E})-3-(1,3-benzodioxol-5-yl)-1-[3-(trifluoromethyl)phenyl]prop-2-en-1-one
5 water water
#
_entity_poly.entity_id   1
_entity_poly.type   'polypeptide(L)'
_entity_poly.pdbx_seq_one_letter_code
;SNKCDVVVVGGGISGMAAAKLLHDSGLNVVVLEARDRVGGRTYTLRNQKVKYVDLGGSYVGPTQNRILRLAKELGLETYK
VNEVERLIHHVKGKSYPFRGPFPPVWNPITYLDHNNFWRTMDDMGREIPSDAPWKAPLAEEWDNMTMKELLDKLCWTESA
KQLATLFVNLCVTAETHEVSALWFLWYVKQCGGTTRIISTTNGGQERKFVGGSGQVSERIMDLLGDRVKLERPVIYIDQT
RENVLVETLNHEMYEAKYVISAIPPTLGMKIHFNPPLPMMRNQMITRVPLGSVIKCIVYYKEPFWRKKDYCGTMIIDGEE
APVAYTLDDTKPEGNYAAIMGFILAHKARKLARLTKEERLKKLCELYAKVLGSLEALEPVHYEEKNWCEEQYSGGCYTTY
FPPGILTQYGRVLRQPVDRIYFAGTETATHWSGYMEGAVEAGERAAREILHAMGKIPEDEIWQSEPESVDVPAQPITTTF
LERHLPSVPGLLRLIGLTTIFSATALGFLAHKRGLLVRV
;
_entity_poly.pdbx_strand_id   AAA,BBB
#
# COMPACT_ATOMS: atom_id res chain seq x y z
N SER A 1 -12.49 2.41 34.26
CA SER A 1 -12.93 2.43 32.83
C SER A 1 -14.38 2.96 32.71
N ASN A 2 -14.69 3.57 31.58
CA ASN A 2 -16.07 3.98 31.16
C ASN A 2 -16.73 2.77 30.50
N LYS A 3 -17.82 2.23 31.05
CA LYS A 3 -18.39 0.93 30.60
C LYS A 3 -19.58 1.20 29.69
N CYS A 4 -19.69 0.43 28.60
CA CYS A 4 -20.84 0.51 27.69
C CYS A 4 -21.00 -0.84 27.02
N ASP A 5 -22.00 -0.97 26.15
CA ASP A 5 -22.24 -2.17 25.36
C ASP A 5 -21.26 -2.20 24.18
N VAL A 6 -21.17 -1.07 23.45
CA VAL A 6 -20.41 -1.02 22.17
C VAL A 6 -19.65 0.29 22.11
N VAL A 7 -18.35 0.18 21.85
CA VAL A 7 -17.51 1.33 21.50
C VAL A 7 -17.45 1.36 19.97
N VAL A 8 -17.78 2.52 19.41
CA VAL A 8 -17.58 2.79 17.97
C VAL A 8 -16.37 3.67 17.82
N VAL A 9 -15.38 3.19 17.09
CA VAL A 9 -14.14 3.93 16.81
C VAL A 9 -14.34 4.70 15.51
N GLY A 10 -14.47 6.00 15.65
CA GLY A 10 -14.65 6.89 14.48
C GLY A 10 -16.06 7.45 14.42
N GLY A 11 -16.18 8.77 14.32
CA GLY A 11 -17.43 9.51 14.22
C GLY A 11 -17.56 10.15 12.85
N GLY A 12 -17.25 9.40 11.78
CA GLY A 12 -17.71 9.76 10.43
C GLY A 12 -19.16 9.30 10.26
N ILE A 13 -19.70 9.42 9.06
CA ILE A 13 -21.08 8.96 8.82
C ILE A 13 -21.23 7.49 9.19
N SER A 14 -20.29 6.63 8.84
CA SER A 14 -20.39 5.20 9.16
C SER A 14 -20.49 4.93 10.65
N GLY A 15 -19.56 5.44 11.48
CA GLY A 15 -19.63 5.26 12.94
C GLY A 15 -20.91 5.86 13.49
N MET A 16 -21.27 7.05 13.04
CA MET A 16 -22.45 7.78 13.57
C MET A 16 -23.69 6.96 13.17
N ALA A 17 -23.78 6.43 11.93
CA ALA A 17 -24.97 5.59 11.56
C ALA A 17 -25.00 4.34 12.44
N ALA A 18 -23.86 3.69 12.65
CA ALA A 18 -23.77 2.48 13.50
C ALA A 18 -24.26 2.84 14.92
N ALA A 19 -23.72 3.92 15.48
CA ALA A 19 -24.02 4.28 16.87
C ALA A 19 -25.51 4.58 16.99
N LYS A 20 -26.08 5.29 16.03
CA LYS A 20 -27.51 5.65 16.08
C LYS A 20 -28.37 4.39 16.08
N LEU A 21 -28.09 3.46 15.19
CA LEU A 21 -28.86 2.20 15.11
C LEU A 21 -28.77 1.49 16.47
N LEU A 22 -27.55 1.31 16.99
CA LEU A 22 -27.35 0.65 18.31
C LEU A 22 -28.09 1.42 19.43
N HIS A 23 -28.00 2.75 19.44
CA HIS A 23 -28.68 3.58 20.47
C HIS A 23 -30.18 3.38 20.35
N ASP A 24 -30.69 3.36 19.12
CA ASP A 24 -32.15 3.26 18.88
C ASP A 24 -32.65 1.87 19.28
N SER A 25 -31.78 0.87 19.25
CA SER A 25 -32.11 -0.52 19.64
CA SER A 25 -32.11 -0.53 19.64
C SER A 25 -32.06 -0.68 21.18
N GLY A 26 -31.69 0.36 21.90
CA GLY A 26 -31.64 0.37 23.37
C GLY A 26 -30.28 0.00 23.95
N LEU A 27 -29.18 -0.05 23.19
CA LEU A 27 -27.83 -0.32 23.75
C LEU A 27 -27.18 1.00 24.16
N ASN A 28 -26.21 0.89 25.06
CA ASN A 28 -25.35 1.96 25.57
C ASN A 28 -24.12 2.00 24.67
N VAL A 29 -24.03 3.06 23.89
CA VAL A 29 -22.92 3.20 22.90
C VAL A 29 -22.05 4.36 23.33
N VAL A 30 -20.78 4.27 22.96
CA VAL A 30 -19.86 5.42 23.03
C VAL A 30 -19.21 5.54 21.65
N VAL A 31 -19.09 6.75 21.16
CA VAL A 31 -18.30 7.03 19.91
C VAL A 31 -16.98 7.68 20.32
N LEU A 32 -15.86 7.08 19.91
CA LEU A 32 -14.56 7.72 20.20
C LEU A 32 -14.01 8.30 18.89
N GLU A 33 -13.94 9.61 18.82
CA GLU A 33 -13.58 10.35 17.59
C GLU A 33 -12.23 11.01 17.84
N ALA A 34 -11.26 10.79 16.96
CA ALA A 34 -9.92 11.39 17.04
C ALA A 34 -9.95 12.92 16.98
N ARG A 35 -10.77 13.52 16.12
CA ARG A 35 -10.73 14.96 15.82
C ARG A 35 -11.54 15.73 16.86
N ASP A 36 -11.48 17.05 16.75
CA ASP A 36 -12.34 17.95 17.54
C ASP A 36 -13.71 18.15 16.90
N ARG A 37 -14.12 17.32 15.96
CA ARG A 37 -15.37 17.40 15.21
C ARG A 37 -15.74 15.99 14.79
N VAL A 38 -17.04 15.81 14.48
CA VAL A 38 -17.52 14.63 13.76
C VAL A 38 -17.59 14.94 12.26
N GLY A 39 -17.77 13.89 11.47
CA GLY A 39 -17.99 13.98 10.02
C GLY A 39 -16.87 13.33 9.20
N GLY A 40 -15.63 13.34 9.67
CA GLY A 40 -14.54 12.60 9.00
C GLY A 40 -14.22 13.18 7.63
N ARG A 41 -14.44 12.38 6.58
CA ARG A 41 -14.21 12.80 5.17
C ARG A 41 -15.33 13.69 4.67
N THR A 42 -16.36 13.95 5.48
CA THR A 42 -17.26 15.08 5.25
C THR A 42 -16.89 16.20 6.21
N TYR A 43 -16.90 17.44 5.71
CA TYR A 43 -16.56 18.63 6.50
C TYR A 43 -17.23 19.81 5.83
N THR A 44 -18.15 20.41 6.55
CA THR A 44 -18.91 21.59 6.08
C THR A 44 -18.30 22.79 6.80
N LEU A 45 -17.58 23.64 6.06
CA LEU A 45 -17.03 24.89 6.58
C LEU A 45 -18.13 25.95 6.59
N ARG A 46 -18.25 26.71 7.69
CA ARG A 46 -19.20 27.84 7.69
C ARG A 46 -18.45 29.15 7.98
N ASN A 47 -18.69 30.17 7.16
CA ASN A 47 -18.16 31.52 7.39
C ASN A 47 -19.05 32.46 6.58
N GLN A 48 -18.89 33.76 6.81
CA GLN A 48 -19.85 34.74 6.23
C GLN A 48 -19.64 34.85 4.73
N LYS A 49 -18.44 34.54 4.23
CA LYS A 49 -18.15 34.72 2.77
C LYS A 49 -18.79 33.60 1.98
N VAL A 50 -18.90 32.40 2.53
CA VAL A 50 -19.45 31.25 1.74
C VAL A 50 -20.82 30.79 2.24
N LYS A 51 -21.21 31.26 3.43
CA LYS A 51 -22.35 30.73 4.22
C LYS A 51 -22.01 29.31 4.72
N TYR A 52 -21.97 28.33 3.81
CA TYR A 52 -21.55 26.95 4.10
C TYR A 52 -20.91 26.41 2.83
N VAL A 53 -19.96 25.53 3.01
CA VAL A 53 -19.36 24.83 1.84
C VAL A 53 -18.87 23.47 2.28
N ASP A 54 -19.18 22.46 1.47
CA ASP A 54 -18.63 21.11 1.68
C ASP A 54 -17.20 21.07 1.14
N LEU A 55 -16.24 20.82 1.99
CA LEU A 55 -14.83 20.68 1.56
C LEU A 55 -14.51 19.19 1.40
N GLY A 56 -15.33 18.29 1.97
CA GLY A 56 -15.25 16.84 1.72
C GLY A 56 -16.40 16.31 0.88
N GLY A 57 -16.86 15.12 1.23
CA GLY A 57 -17.97 14.48 0.53
C GLY A 57 -19.20 15.39 0.53
N SER A 58 -19.90 15.44 -0.60
CA SER A 58 -20.98 16.43 -0.85
C SER A 58 -22.15 15.81 -1.61
N TYR A 59 -21.87 15.12 -2.70
CA TYR A 59 -22.93 14.76 -3.67
C TYR A 59 -23.64 13.49 -3.25
N VAL A 60 -24.95 13.50 -3.45
CA VAL A 60 -25.77 12.28 -3.37
C VAL A 60 -26.67 12.18 -4.59
N GLY A 61 -27.18 10.98 -4.84
CA GLY A 61 -27.97 10.81 -6.07
C GLY A 61 -28.87 9.60 -6.01
N PRO A 62 -29.65 9.42 -7.10
CA PRO A 62 -30.53 8.26 -7.24
C PRO A 62 -29.79 6.95 -7.00
N THR A 63 -30.48 6.04 -6.31
CA THR A 63 -30.05 4.68 -5.87
C THR A 63 -29.23 4.74 -4.57
N GLN A 64 -28.95 5.92 -4.02
CA GLN A 64 -28.24 6.06 -2.73
C GLN A 64 -29.30 6.22 -1.64
N ASN A 65 -30.15 5.21 -1.50
CA ASN A 65 -31.36 5.39 -0.69
C ASN A 65 -31.06 5.42 0.80
N ARG A 66 -29.94 4.83 1.28
CA ARG A 66 -29.72 4.79 2.74
C ARG A 66 -29.31 6.17 3.23
N ILE A 67 -28.39 6.85 2.53
CA ILE A 67 -27.97 8.20 2.96
C ILE A 67 -29.18 9.15 2.83
N LEU A 68 -30.00 8.98 1.80
CA LEU A 68 -31.15 9.87 1.59
C LEU A 68 -32.16 9.65 2.74
N ARG A 69 -32.34 8.40 3.17
CA ARG A 69 -33.31 8.09 4.25
C ARG A 69 -32.76 8.63 5.56
N LEU A 70 -31.49 8.37 5.85
CA LEU A 70 -30.87 8.86 7.10
C LEU A 70 -30.99 10.37 7.15
N ALA A 71 -30.55 11.06 6.08
CA ALA A 71 -30.55 12.52 6.07
C ALA A 71 -32.01 13.05 6.23
N LYS A 72 -32.96 12.41 5.58
CA LYS A 72 -34.37 12.86 5.65
C LYS A 72 -34.87 12.72 7.09
N GLU A 73 -34.54 11.62 7.75
CA GLU A 73 -34.99 11.38 9.14
C GLU A 73 -34.38 12.43 10.07
N LEU A 74 -33.18 12.95 9.75
CA LEU A 74 -32.53 14.01 10.55
C LEU A 74 -33.01 15.40 10.21
N GLY A 75 -33.95 15.55 9.31
CA GLY A 75 -34.58 16.84 8.91
C GLY A 75 -33.82 17.57 7.83
N LEU A 76 -32.99 16.87 7.04
CA LEU A 76 -32.24 17.53 5.96
C LEU A 76 -33.01 17.42 4.63
N GLU A 77 -32.63 18.30 3.72
CA GLU A 77 -33.21 18.38 2.38
C GLU A 77 -32.07 18.45 1.36
N THR A 78 -32.37 18.07 0.14
CA THR A 78 -31.42 18.10 -0.99
C THR A 78 -31.84 19.20 -1.95
N TYR A 79 -30.91 19.57 -2.81
CA TYR A 79 -31.21 20.38 -4.01
C TYR A 79 -30.35 19.82 -5.15
N LYS A 80 -30.74 20.16 -6.36
CA LYS A 80 -30.07 19.64 -7.58
C LYS A 80 -28.90 20.53 -7.91
N VAL A 81 -27.78 19.88 -8.22
CA VAL A 81 -26.58 20.53 -8.79
C VAL A 81 -27.01 21.10 -10.14
N ASN A 82 -26.55 22.30 -10.48
CA ASN A 82 -26.96 22.92 -11.77
C ASN A 82 -26.45 22.14 -12.98
N GLU A 83 -27.38 21.62 -13.79
CA GLU A 83 -27.04 20.99 -15.08
C GLU A 83 -28.03 21.48 -16.16
N VAL A 84 -28.53 22.69 -16.03
CA VAL A 84 -29.54 23.24 -16.98
C VAL A 84 -28.87 23.52 -18.32
N GLU A 85 -27.71 24.14 -18.31
CA GLU A 85 -27.02 24.57 -19.56
C GLU A 85 -26.00 23.50 -20.02
N ARG A 86 -25.14 23.84 -20.95
CA ARG A 86 -24.25 22.85 -21.63
C ARG A 86 -23.06 22.49 -20.74
N LEU A 87 -22.67 21.24 -20.82
CA LEU A 87 -21.40 20.77 -20.23
C LEU A 87 -20.27 21.19 -21.16
N ILE A 88 -19.02 21.18 -20.71
CA ILE A 88 -17.90 21.46 -21.63
C ILE A 88 -16.92 20.31 -21.54
N HIS A 89 -16.46 19.80 -22.68
CA HIS A 89 -15.29 18.90 -22.75
C HIS A 89 -14.14 19.70 -23.37
N HIS A 90 -13.05 19.87 -22.62
CA HIS A 90 -11.89 20.69 -23.06
C HIS A 90 -10.77 19.70 -23.35
N VAL A 91 -10.36 19.62 -24.61
CA VAL A 91 -9.36 18.61 -25.03
C VAL A 91 -8.47 19.27 -26.08
N LYS A 92 -7.17 19.10 -25.92
CA LYS A 92 -6.12 19.68 -26.85
C LYS A 92 -6.33 21.20 -26.92
N GLY A 93 -6.57 21.83 -25.77
CA GLY A 93 -6.62 23.28 -25.63
C GLY A 93 -7.87 23.94 -26.18
N LYS A 94 -8.90 23.20 -26.57
CA LYS A 94 -10.17 23.79 -27.04
C LYS A 94 -11.35 23.22 -26.29
N SER A 95 -12.39 24.03 -26.17
CA SER A 95 -13.65 23.66 -25.45
C SER A 95 -14.73 23.25 -26.44
N TYR A 96 -15.38 22.14 -26.15
CA TYR A 96 -16.49 21.57 -26.98
C TYR A 96 -17.72 21.40 -26.11
N PRO A 97 -18.72 22.29 -26.22
CA PRO A 97 -19.92 22.16 -25.40
C PRO A 97 -20.79 20.98 -25.86
N PHE A 98 -21.50 20.39 -24.92
CA PHE A 98 -22.37 19.24 -25.23
C PHE A 98 -23.45 19.09 -24.16
N ARG A 99 -24.36 18.17 -24.47
CA ARG A 99 -25.45 17.73 -23.57
C ARG A 99 -25.39 16.22 -23.44
N GLY A 100 -25.94 15.71 -22.35
CA GLY A 100 -26.03 14.26 -22.09
C GLY A 100 -24.81 13.95 -21.27
N PRO A 101 -24.72 12.78 -20.61
CA PRO A 101 -23.65 12.58 -19.65
C PRO A 101 -22.25 12.37 -20.23
N PHE A 102 -22.16 11.83 -21.44
CA PHE A 102 -20.85 11.50 -22.09
C PHE A 102 -20.49 12.54 -23.15
N PRO A 103 -19.24 13.06 -23.22
CA PRO A 103 -18.88 13.93 -24.32
C PRO A 103 -19.00 13.19 -25.65
N PRO A 104 -19.64 13.78 -26.64
CA PRO A 104 -19.85 13.09 -27.91
C PRO A 104 -18.52 13.05 -28.71
N VAL A 105 -18.47 12.03 -29.56
CA VAL A 105 -17.34 11.71 -30.46
C VAL A 105 -17.92 11.72 -31.86
N TRP A 106 -17.30 12.37 -32.85
CA TRP A 106 -17.88 12.39 -34.22
C TRP A 106 -17.17 11.39 -35.14
N ASN A 107 -15.87 11.25 -35.00
CA ASN A 107 -15.07 10.35 -35.87
C ASN A 107 -15.63 8.94 -35.71
N PRO A 108 -16.08 8.27 -36.80
CA PRO A 108 -16.70 6.96 -36.70
C PRO A 108 -15.84 5.90 -35.99
N ILE A 109 -14.58 5.82 -36.30
CA ILE A 109 -13.65 4.83 -35.67
C ILE A 109 -13.58 5.16 -34.18
N THR A 110 -13.42 6.45 -33.87
CA THR A 110 -13.27 6.93 -32.48
C THR A 110 -14.58 6.65 -31.76
N TYR A 111 -15.70 6.78 -32.45
CA TYR A 111 -17.03 6.53 -31.86
C TYR A 111 -17.11 5.04 -31.48
N LEU A 112 -16.70 4.09 -32.33
CA LEU A 112 -16.75 2.64 -32.02
C LEU A 112 -15.88 2.38 -30.79
N ASP A 113 -14.71 3.01 -30.73
CA ASP A 113 -13.74 2.73 -29.65
C ASP A 113 -14.30 3.25 -28.31
N HIS A 114 -14.85 4.45 -28.30
CA HIS A 114 -15.48 5.04 -27.07
C HIS A 114 -16.65 4.17 -26.65
N ASN A 115 -17.54 3.84 -27.60
CA ASN A 115 -18.75 3.08 -27.27
C ASN A 115 -18.29 1.75 -26.65
N ASN A 116 -17.30 1.11 -27.25
CA ASN A 116 -16.81 -0.21 -26.80
C ASN A 116 -16.16 -0.08 -25.44
N PHE A 117 -15.44 1.01 -25.20
CA PHE A 117 -14.77 1.18 -23.90
C PHE A 117 -15.80 1.14 -22.78
N TRP A 118 -16.83 2.00 -22.84
CA TRP A 118 -17.80 2.06 -21.73
C TRP A 118 -18.56 0.74 -21.61
N ARG A 119 -18.95 0.17 -22.74
CA ARG A 119 -19.72 -1.07 -22.81
C ARG A 119 -18.93 -2.17 -22.13
N THR A 120 -17.63 -2.26 -22.45
CA THR A 120 -16.77 -3.32 -21.93
C THR A 120 -16.53 -3.12 -20.43
N MET A 121 -16.41 -1.90 -19.92
CA MET A 121 -16.28 -1.68 -18.46
C MET A 121 -17.50 -2.30 -17.78
N ASP A 122 -18.67 -2.11 -18.34
CA ASP A 122 -19.88 -2.66 -17.70
C ASP A 122 -20.01 -4.16 -17.96
N ASP A 123 -19.67 -4.65 -19.15
CA ASP A 123 -19.69 -6.10 -19.43
C ASP A 123 -18.78 -6.86 -18.43
N MET A 124 -17.56 -6.38 -18.23
CA MET A 124 -16.64 -6.98 -17.24
C MET A 124 -17.25 -6.86 -15.84
N GLY A 125 -17.83 -5.72 -15.51
CA GLY A 125 -18.42 -5.54 -14.18
C GLY A 125 -19.48 -6.58 -13.88
N ARG A 126 -20.27 -6.97 -14.90
CA ARG A 126 -21.38 -7.95 -14.67
C ARG A 126 -20.81 -9.32 -14.28
N GLU A 127 -19.53 -9.57 -14.50
CA GLU A 127 -18.88 -10.83 -14.07
C GLU A 127 -18.45 -10.79 -12.60
N ILE A 128 -18.54 -9.64 -11.93
CA ILE A 128 -17.93 -9.40 -10.59
C ILE A 128 -19.01 -9.30 -9.54
N PRO A 129 -19.08 -10.24 -8.58
CA PRO A 129 -20.09 -10.12 -7.51
C PRO A 129 -19.77 -8.92 -6.62
N SER A 130 -20.76 -8.08 -6.34
CA SER A 130 -20.59 -6.87 -5.47
C SER A 130 -20.05 -7.24 -4.09
N ASP A 131 -20.49 -8.37 -3.55
CA ASP A 131 -20.12 -8.74 -2.18
C ASP A 131 -18.90 -9.64 -2.15
N ALA A 132 -18.30 -9.96 -3.29
CA ALA A 132 -17.18 -10.90 -3.34
C ALA A 132 -16.45 -10.77 -4.67
N PRO A 133 -15.78 -9.65 -4.94
CA PRO A 133 -15.17 -9.46 -6.27
C PRO A 133 -14.11 -10.49 -6.63
N TRP A 134 -13.47 -11.08 -5.62
CA TRP A 134 -12.44 -12.12 -5.78
C TRP A 134 -13.09 -13.41 -6.33
N LYS A 135 -14.40 -13.51 -6.36
CA LYS A 135 -15.08 -14.69 -6.96
C LYS A 135 -15.34 -14.52 -8.44
N ALA A 136 -15.03 -13.39 -9.06
CA ALA A 136 -15.18 -13.26 -10.53
C ALA A 136 -14.39 -14.38 -11.21
N PRO A 137 -14.89 -14.97 -12.31
CA PRO A 137 -14.17 -16.06 -12.98
C PRO A 137 -12.73 -15.74 -13.36
N LEU A 138 -12.43 -14.52 -13.80
CA LEU A 138 -11.06 -14.10 -14.20
C LEU A 138 -10.52 -13.15 -13.12
N ALA A 139 -10.92 -13.30 -11.86
CA ALA A 139 -10.50 -12.38 -10.79
C ALA A 139 -8.98 -12.26 -10.80
N GLU A 140 -8.28 -13.36 -10.81
CA GLU A 140 -6.80 -13.33 -10.70
C GLU A 140 -6.20 -12.57 -11.90
N GLU A 141 -6.57 -12.97 -13.12
CA GLU A 141 -6.09 -12.28 -14.34
C GLU A 141 -6.37 -10.77 -14.23
N TRP A 142 -7.59 -10.39 -13.87
CA TRP A 142 -7.95 -8.96 -13.81
C TRP A 142 -7.25 -8.24 -12.64
N ASP A 143 -7.00 -8.92 -11.53
CA ASP A 143 -6.38 -8.28 -10.36
C ASP A 143 -4.87 -8.11 -10.55
N ASN A 144 -4.31 -8.85 -11.49
CA ASN A 144 -2.86 -8.84 -11.70
C ASN A 144 -2.44 -7.83 -12.76
N MET A 145 -3.38 -7.03 -13.27
CA MET A 145 -3.13 -5.95 -14.22
C MET A 145 -3.56 -4.65 -13.54
N THR A 146 -2.88 -3.57 -13.90
CA THR A 146 -3.37 -2.23 -13.55
C THR A 146 -4.49 -1.79 -14.50
N MET A 147 -5.17 -0.74 -14.12
CA MET A 147 -6.08 -0.09 -15.07
C MET A 147 -5.31 0.44 -16.28
N LYS A 148 -4.08 0.85 -16.12
CA LYS A 148 -3.29 1.37 -17.26
C LYS A 148 -3.14 0.23 -18.30
N GLU A 149 -2.79 -0.97 -17.85
CA GLU A 149 -2.63 -2.13 -18.74
C GLU A 149 -3.94 -2.42 -19.43
N LEU A 150 -5.06 -2.39 -18.71
CA LEU A 150 -6.37 -2.70 -19.30
C LEU A 150 -6.74 -1.66 -20.37
N LEU A 151 -6.51 -0.39 -20.11
CA LEU A 151 -6.80 0.67 -21.12
C LEU A 151 -5.89 0.48 -22.32
N ASP A 152 -4.62 0.08 -22.13
CA ASP A 152 -3.69 -0.10 -23.25
C ASP A 152 -4.22 -1.24 -24.13
N LYS A 153 -4.85 -2.26 -23.54
CA LYS A 153 -5.42 -3.37 -24.32
C LYS A 153 -6.74 -2.96 -24.99
N LEU A 154 -7.60 -2.20 -24.32
CA LEU A 154 -9.00 -1.99 -24.75
C LEU A 154 -9.13 -0.85 -25.75
N CYS A 155 -8.36 0.19 -25.56
CA CYS A 155 -8.54 1.47 -26.30
C CYS A 155 -7.67 1.44 -27.56
N TRP A 156 -8.32 1.44 -28.71
CA TRP A 156 -7.63 1.47 -30.03
C TRP A 156 -7.43 2.90 -30.49
N THR A 157 -7.91 3.87 -29.75
CA THR A 157 -7.69 5.30 -30.03
C THR A 157 -7.11 5.99 -28.80
N GLU A 158 -6.25 6.96 -29.05
CA GLU A 158 -5.73 7.84 -27.98
C GLU A 158 -6.90 8.62 -27.35
N SER A 159 -7.87 9.06 -28.15
CA SER A 159 -9.05 9.80 -27.67
C SER A 159 -9.71 8.99 -26.51
N ALA A 160 -10.00 7.72 -26.77
CA ALA A 160 -10.70 6.89 -25.75
C ALA A 160 -9.79 6.67 -24.54
N LYS A 161 -8.49 6.45 -24.80
CA LYS A 161 -7.57 6.17 -23.69
C LYS A 161 -7.46 7.41 -22.79
N GLN A 162 -7.39 8.62 -23.38
CA GLN A 162 -7.25 9.85 -22.60
C GLN A 162 -8.53 10.05 -21.77
N LEU A 163 -9.69 9.82 -22.34
CA LEU A 163 -10.96 10.06 -21.61
C LEU A 163 -11.09 9.02 -20.49
N ALA A 164 -10.78 7.77 -20.79
CA ALA A 164 -10.82 6.64 -19.82
C ALA A 164 -9.87 6.96 -18.67
N THR A 165 -8.69 7.50 -18.96
CA THR A 165 -7.71 7.88 -17.92
C THR A 165 -8.33 8.94 -16.98
N LEU A 166 -8.96 9.97 -17.54
CA LEU A 166 -9.59 11.00 -16.71
C LEU A 166 -10.69 10.34 -15.86
N PHE A 167 -11.46 9.44 -16.44
CA PHE A 167 -12.56 8.71 -15.73
C PHE A 167 -12.00 8.01 -14.49
N VAL A 168 -10.90 7.31 -14.63
CA VAL A 168 -10.28 6.61 -13.48
C VAL A 168 -9.78 7.65 -12.47
N ASN A 169 -9.04 8.64 -12.94
CA ASN A 169 -8.44 9.64 -12.03
C ASN A 169 -9.55 10.30 -11.21
N LEU A 170 -10.66 10.63 -11.85
CA LEU A 170 -11.76 11.40 -11.19
C LEU A 170 -12.57 10.49 -10.25
N CYS A 171 -12.81 9.25 -10.65
CA CYS A 171 -13.64 8.31 -9.84
C CYS A 171 -12.88 7.88 -8.59
N VAL A 172 -11.56 7.63 -8.69
CA VAL A 172 -10.85 7.02 -7.56
C VAL A 172 -9.57 7.78 -7.14
N THR A 173 -9.37 9.01 -7.60
CA THR A 173 -8.30 9.94 -7.14
C THR A 173 -6.94 9.20 -7.12
N ALA A 174 -6.71 8.48 -8.18
CA ALA A 174 -5.49 7.68 -8.33
C ALA A 174 -5.20 7.54 -9.82
N GLU A 175 -3.95 7.27 -10.08
CA GLU A 175 -3.48 7.06 -11.45
C GLU A 175 -3.91 5.67 -11.95
N THR A 176 -4.00 5.52 -13.26
CA THR A 176 -4.40 4.23 -13.88
C THR A 176 -3.36 3.16 -13.56
N HIS A 177 -2.08 3.53 -13.49
CA HIS A 177 -1.00 2.57 -13.16
C HIS A 177 -0.97 2.22 -11.66
N GLU A 178 -1.70 2.95 -10.79
CA GLU A 178 -1.67 2.70 -9.34
C GLU A 178 -2.65 1.58 -8.96
N VAL A 179 -3.73 1.43 -9.73
CA VAL A 179 -4.90 0.67 -9.25
C VAL A 179 -5.09 -0.64 -10.00
N SER A 180 -5.53 -1.67 -9.27
CA SER A 180 -5.94 -2.96 -9.84
C SER A 180 -7.12 -2.75 -10.82
N ALA A 181 -7.12 -3.47 -11.94
CA ALA A 181 -8.22 -3.45 -12.92
C ALA A 181 -9.41 -4.14 -12.26
N LEU A 182 -9.22 -5.27 -11.60
CA LEU A 182 -10.36 -5.95 -10.93
C LEU A 182 -11.04 -5.01 -9.95
N TRP A 183 -10.22 -4.38 -9.11
CA TRP A 183 -10.78 -3.50 -8.07
C TRP A 183 -11.55 -2.35 -8.74
N PHE A 184 -10.99 -1.72 -9.76
CA PHE A 184 -11.64 -0.54 -10.39
C PHE A 184 -12.96 -0.99 -11.03
N LEU A 185 -12.94 -2.13 -11.73
CA LEU A 185 -14.17 -2.66 -12.39
C LEU A 185 -15.22 -2.97 -11.34
N TRP A 186 -14.81 -3.55 -10.21
CA TRP A 186 -15.70 -3.79 -9.05
C TRP A 186 -16.27 -2.46 -8.59
N TYR A 187 -15.39 -1.48 -8.37
CA TYR A 187 -15.80 -0.18 -7.79
C TYR A 187 -16.90 0.46 -8.63
N VAL A 188 -16.75 0.46 -9.95
CA VAL A 188 -17.72 1.07 -10.88
C VAL A 188 -19.00 0.23 -10.86
N LYS A 189 -18.87 -1.09 -10.93
CA LYS A 189 -20.11 -1.93 -11.00
C LYS A 189 -20.94 -1.79 -9.70
N GLN A 190 -20.29 -1.67 -8.55
CA GLN A 190 -21.01 -1.61 -7.24
C GLN A 190 -21.62 -0.22 -7.01
N CYS A 191 -21.33 0.74 -7.88
CA CYS A 191 -22.09 2.02 -7.92
C CYS A 191 -23.21 1.96 -8.95
N GLY A 192 -23.41 0.87 -9.69
CA GLY A 192 -24.50 0.76 -10.67
C GLY A 192 -23.99 0.94 -12.11
N GLY A 193 -22.65 1.03 -12.30
CA GLY A 193 -22.07 1.07 -13.63
C GLY A 193 -21.68 2.45 -14.12
N THR A 194 -21.12 2.50 -15.33
CA THR A 194 -20.44 3.69 -15.88
C THR A 194 -21.41 4.86 -15.95
N THR A 195 -22.61 4.69 -16.51
CA THR A 195 -23.54 5.82 -16.69
C THR A 195 -23.93 6.39 -15.32
N ARG A 196 -24.28 5.55 -14.37
CA ARG A 196 -24.70 6.04 -13.05
C ARG A 196 -23.54 6.76 -12.35
N ILE A 197 -22.34 6.25 -12.40
CA ILE A 197 -21.22 6.86 -11.61
C ILE A 197 -20.81 8.21 -12.21
N ILE A 198 -20.93 8.40 -13.52
CA ILE A 198 -20.40 9.62 -14.17
C ILE A 198 -21.46 10.70 -14.25
N SER A 199 -22.73 10.37 -14.03
CA SER A 199 -23.82 11.31 -14.33
C SER A 199 -24.08 12.27 -13.17
N THR A 200 -24.48 13.50 -13.54
CA THR A 200 -25.02 14.48 -12.60
C THR A 200 -26.53 14.22 -12.53
N THR A 201 -27.28 14.72 -13.49
CA THR A 201 -28.70 14.30 -13.66
C THR A 201 -28.77 12.76 -13.73
N ASN A 202 -29.58 12.09 -12.90
CA ASN A 202 -29.77 10.61 -12.91
C ASN A 202 -28.53 9.86 -12.40
N GLY A 203 -27.57 10.52 -11.77
CA GLY A 203 -26.40 9.81 -11.24
C GLY A 203 -25.88 10.30 -9.91
N GLY A 204 -24.64 9.89 -9.58
CA GLY A 204 -24.00 10.17 -8.26
C GLY A 204 -23.89 11.62 -7.92
N GLN A 205 -23.82 12.52 -8.92
CA GLN A 205 -23.55 13.95 -8.64
C GLN A 205 -24.83 14.76 -8.77
N GLU A 206 -26.02 14.13 -8.64
CA GLU A 206 -27.28 14.84 -8.93
C GLU A 206 -27.51 15.94 -7.90
N ARG A 207 -27.26 15.68 -6.63
CA ARG A 207 -27.73 16.56 -5.56
C ARG A 207 -26.68 16.81 -4.50
N LYS A 208 -26.94 17.84 -3.72
CA LYS A 208 -26.22 18.17 -2.47
C LYS A 208 -27.26 18.38 -1.37
N PHE A 209 -26.81 18.32 -0.15
CA PHE A 209 -27.65 18.67 1.03
C PHE A 209 -27.65 20.17 1.19
N VAL A 210 -28.85 20.70 1.43
CA VAL A 210 -28.99 22.11 1.86
C VAL A 210 -28.29 22.27 3.20
N GLY A 211 -27.31 23.17 3.29
CA GLY A 211 -26.57 23.42 4.53
C GLY A 211 -25.36 22.55 4.72
N GLY A 212 -25.12 21.59 3.84
CA GLY A 212 -23.86 20.81 3.90
C GLY A 212 -24.06 19.40 4.44
N SER A 213 -23.27 18.45 3.95
CA SER A 213 -23.31 17.06 4.40
C SER A 213 -22.83 16.88 5.84
N GLY A 214 -22.02 17.77 6.43
CA GLY A 214 -21.52 17.59 7.80
C GLY A 214 -22.66 17.59 8.82
N GLN A 215 -23.81 18.11 8.41
CA GLN A 215 -25.03 18.06 9.25
C GLN A 215 -25.47 16.64 9.55
N VAL A 216 -25.15 15.67 8.71
CA VAL A 216 -25.58 14.28 8.98
C VAL A 216 -24.89 13.84 10.27
N SER A 217 -23.57 13.98 10.33
CA SER A 217 -22.81 13.51 11.50
C SER A 217 -23.13 14.39 12.72
N GLU A 218 -23.33 15.70 12.49
CA GLU A 218 -23.54 16.66 13.59
C GLU A 218 -24.92 16.34 14.23
N ARG A 219 -25.93 16.07 13.41
CA ARG A 219 -27.31 15.90 13.95
C ARG A 219 -27.36 14.56 14.68
N ILE A 220 -26.60 13.58 14.24
CA ILE A 220 -26.52 12.32 15.03
C ILE A 220 -25.79 12.60 16.34
N MET A 221 -24.71 13.36 16.37
CA MET A 221 -24.03 13.67 17.64
C MET A 221 -25.06 14.34 18.59
N ASP A 222 -25.90 15.22 18.05
CA ASP A 222 -26.91 15.94 18.89
C ASP A 222 -27.84 14.89 19.53
N LEU A 223 -28.32 13.90 18.78
CA LEU A 223 -29.18 12.80 19.27
C LEU A 223 -28.45 11.99 20.34
N LEU A 224 -27.14 11.80 20.21
CA LEU A 224 -26.39 10.90 21.12
C LEU A 224 -25.90 11.64 22.37
N GLY A 225 -25.87 12.97 22.39
CA GLY A 225 -25.40 13.77 23.55
C GLY A 225 -23.94 13.54 23.85
N ASP A 226 -23.66 13.26 25.11
CA ASP A 226 -22.27 13.16 25.60
C ASP A 226 -21.70 11.78 25.30
N ARG A 227 -22.42 10.91 24.59
CA ARG A 227 -21.90 9.58 24.19
C ARG A 227 -20.79 9.73 23.13
N VAL A 228 -20.77 10.85 22.43
CA VAL A 228 -19.68 11.16 21.46
C VAL A 228 -18.53 11.85 22.19
N LYS A 229 -17.34 11.25 22.19
CA LYS A 229 -16.13 11.77 22.87
C LYS A 229 -15.19 12.29 21.78
N LEU A 230 -15.09 13.59 21.66
CA LEU A 230 -14.20 14.24 20.66
C LEU A 230 -12.77 14.28 21.22
N GLU A 231 -11.78 14.27 20.34
CA GLU A 231 -10.34 14.34 20.70
C GLU A 231 -10.01 13.12 21.57
N ARG A 232 -10.51 11.95 21.14
CA ARG A 232 -10.22 10.65 21.73
C ARG A 232 -9.73 9.73 20.63
N PRO A 233 -8.50 9.94 20.13
CA PRO A 233 -7.93 8.99 19.18
C PRO A 233 -7.67 7.67 19.92
N VAL A 234 -8.18 6.58 19.34
CA VAL A 234 -7.95 5.23 19.89
C VAL A 234 -6.54 4.77 19.53
N ILE A 235 -5.81 4.27 20.52
CA ILE A 235 -4.42 3.80 20.37
C ILE A 235 -4.25 2.31 20.64
N TYR A 236 -5.21 1.65 21.31
CA TYR A 236 -5.00 0.29 21.84
C TYR A 236 -6.36 -0.36 22.04
N ILE A 237 -6.43 -1.61 21.59
CA ILE A 237 -7.63 -2.46 21.77
C ILE A 237 -7.11 -3.81 22.28
N ASP A 238 -7.67 -4.23 23.41
CA ASP A 238 -7.24 -5.44 24.12
C ASP A 238 -8.48 -6.32 24.27
N GLN A 239 -8.44 -7.48 23.61
CA GLN A 239 -9.56 -8.45 23.62
C GLN A 239 -9.19 -9.70 24.43
N THR A 240 -8.16 -9.64 25.26
CA THR A 240 -7.68 -10.86 25.98
C THR A 240 -8.57 -11.17 27.18
N ARG A 241 -9.41 -10.23 27.63
CA ARG A 241 -10.22 -10.39 28.88
C ARG A 241 -11.69 -10.48 28.52
N GLU A 242 -12.55 -10.60 29.52
CA GLU A 242 -13.97 -10.91 29.27
C GLU A 242 -14.64 -9.78 28.48
N ASN A 243 -14.36 -8.55 28.86
CA ASN A 243 -14.84 -7.34 28.14
C ASN A 243 -13.66 -6.77 27.34
N VAL A 244 -13.97 -6.18 26.20
CA VAL A 244 -12.93 -5.49 25.37
C VAL A 244 -12.51 -4.19 26.05
N LEU A 245 -11.22 -3.87 26.03
CA LEU A 245 -10.71 -2.63 26.62
C LEU A 245 -10.22 -1.77 25.45
N VAL A 246 -10.69 -0.52 25.38
CA VAL A 246 -10.28 0.43 24.31
C VAL A 246 -9.64 1.64 24.98
N GLU A 247 -8.40 1.93 24.62
CA GLU A 247 -7.66 3.02 25.26
C GLU A 247 -7.49 4.16 24.26
N THR A 248 -7.58 5.40 24.75
CA THR A 248 -7.37 6.60 23.90
C THR A 248 -6.02 7.27 24.21
N LEU A 249 -5.59 8.11 23.29
CA LEU A 249 -4.33 8.86 23.37
C LEU A 249 -4.37 9.76 24.61
N ASN A 250 -5.53 10.31 24.95
CA ASN A 250 -5.64 11.35 26.03
C ASN A 250 -5.81 10.62 27.34
N HIS A 251 -5.39 9.35 27.42
CA HIS A 251 -5.30 8.59 28.67
C HIS A 251 -6.66 8.21 29.26
N GLU A 252 -7.63 7.77 28.47
CA GLU A 252 -8.92 7.24 28.98
C GLU A 252 -9.07 5.78 28.58
N MET A 253 -9.78 4.99 29.35
CA MET A 253 -10.03 3.57 29.05
C MET A 253 -11.54 3.37 28.98
N TYR A 254 -11.98 2.71 27.92
CA TYR A 254 -13.39 2.33 27.71
C TYR A 254 -13.47 0.81 27.73
N GLU A 255 -14.55 0.30 28.33
CA GLU A 255 -14.75 -1.16 28.44
C GLU A 255 -16.08 -1.49 27.75
N ALA A 256 -16.07 -2.45 26.84
CA ALA A 256 -17.28 -2.75 26.04
C ALA A 256 -17.44 -4.24 25.80
N LYS A 257 -18.61 -4.66 25.37
CA LYS A 257 -18.85 -6.05 24.93
C LYS A 257 -18.29 -6.25 23.52
N TYR A 258 -18.46 -5.25 22.65
CA TYR A 258 -18.05 -5.33 21.23
C TYR A 258 -17.51 -3.97 20.81
N VAL A 259 -16.72 -3.99 19.73
CA VAL A 259 -16.22 -2.74 19.12
C VAL A 259 -16.63 -2.74 17.65
N ILE A 260 -16.98 -1.57 17.15
CA ILE A 260 -17.05 -1.33 15.69
C ILE A 260 -15.90 -0.42 15.30
N SER A 261 -15.05 -0.91 14.39
CA SER A 261 -14.02 -0.09 13.75
C SER A 261 -14.68 0.62 12.56
N ALA A 262 -14.88 1.94 12.61
CA ALA A 262 -15.52 2.72 11.54
C ALA A 262 -14.50 3.74 10.96
N ILE A 263 -13.27 3.30 10.79
CA ILE A 263 -12.15 4.15 10.25
C ILE A 263 -11.69 3.50 8.95
N PRO A 264 -11.03 4.27 8.05
CA PRO A 264 -10.50 3.68 6.81
C PRO A 264 -9.60 2.52 7.17
N PRO A 265 -9.58 1.45 6.38
CA PRO A 265 -8.89 0.23 6.78
C PRO A 265 -7.44 0.49 7.19
N THR A 266 -6.67 1.23 6.39
CA THR A 266 -5.24 1.43 6.73
C THR A 266 -5.08 2.17 8.05
N LEU A 267 -6.05 3.01 8.47
CA LEU A 267 -5.88 3.76 9.74
C LEU A 267 -6.01 2.82 10.94
N GLY A 268 -6.42 1.58 10.72
CA GLY A 268 -6.31 0.54 11.77
C GLY A 268 -4.86 0.35 12.23
N MET A 269 -3.88 0.71 11.41
CA MET A 269 -2.45 0.67 11.79
C MET A 269 -2.17 1.59 12.97
N LYS A 270 -3.00 2.60 13.23
CA LYS A 270 -2.71 3.56 14.31
C LYS A 270 -3.10 2.93 15.65
N ILE A 271 -3.64 1.73 15.62
CA ILE A 271 -4.11 1.03 16.87
C ILE A 271 -3.16 -0.14 17.09
N HIS A 272 -2.71 -0.30 18.34
CA HIS A 272 -1.90 -1.45 18.76
C HIS A 272 -2.90 -2.50 19.25
N PHE A 273 -2.81 -3.72 18.77
CA PHE A 273 -3.81 -4.77 19.09
C PHE A 273 -3.17 -5.82 20.00
N ASN A 274 -3.98 -6.26 20.94
CA ASN A 274 -3.65 -7.36 21.89
C ASN A 274 -4.89 -8.24 21.93
N PRO A 275 -4.82 -9.50 21.48
CA PRO A 275 -3.64 -10.08 20.86
C PRO A 275 -3.41 -9.45 19.50
N PRO A 276 -2.27 -9.73 18.85
CA PRO A 276 -2.04 -9.21 17.50
C PRO A 276 -3.13 -9.65 16.51
N LEU A 277 -3.38 -8.82 15.50
CA LEU A 277 -4.34 -9.17 14.45
C LEU A 277 -3.90 -10.48 13.81
N PRO A 278 -4.87 -11.24 13.30
CA PRO A 278 -4.52 -12.39 12.45
C PRO A 278 -3.69 -11.91 11.24
N MET A 279 -2.81 -12.80 10.74
CA MET A 279 -1.83 -12.49 9.66
C MET A 279 -2.50 -11.73 8.50
N MET A 280 -3.63 -12.21 7.97
CA MET A 280 -4.15 -11.62 6.72
C MET A 280 -4.56 -10.17 6.99
N ARG A 281 -5.27 -9.87 8.08
CA ARG A 281 -5.59 -8.45 8.35
C ARG A 281 -4.33 -7.63 8.71
N ASN A 282 -3.39 -8.23 9.44
CA ASN A 282 -2.13 -7.53 9.81
C ASN A 282 -1.47 -6.97 8.54
N GLN A 283 -1.40 -7.80 7.49
CA GLN A 283 -0.78 -7.35 6.23
C GLN A 283 -1.74 -6.52 5.40
N MET A 284 -3.03 -6.84 5.35
CA MET A 284 -3.99 -6.10 4.51
C MET A 284 -3.94 -4.60 4.84
N ILE A 285 -3.84 -4.22 6.12
CA ILE A 285 -4.02 -2.80 6.49
C ILE A 285 -2.76 -1.99 6.14
N THR A 286 -1.69 -2.63 5.61
CA THR A 286 -0.48 -1.95 5.06
C THR A 286 -0.52 -1.88 3.52
N ARG A 287 -1.59 -2.37 2.88
CA ARG A 287 -1.66 -2.58 1.42
C ARG A 287 -2.78 -1.77 0.75
N VAL A 288 -3.43 -0.88 1.48
CA VAL A 288 -4.72 -0.28 1.03
C VAL A 288 -4.67 1.23 1.30
N PRO A 289 -3.94 1.98 0.44
CA PRO A 289 -3.86 3.44 0.58
C PRO A 289 -5.13 4.14 0.17
N LEU A 290 -5.27 5.40 0.60
CA LEU A 290 -6.36 6.27 0.07
C LEU A 290 -5.81 7.14 -1.06
N GLY A 291 -6.72 7.60 -1.92
CA GLY A 291 -6.34 8.48 -3.00
C GLY A 291 -5.96 9.88 -2.59
N SER A 292 -5.69 10.70 -3.60
CA SER A 292 -5.13 12.06 -3.40
C SER A 292 -5.97 13.09 -4.12
N VAL A 293 -6.44 14.10 -3.39
CA VAL A 293 -7.31 15.11 -4.04
C VAL A 293 -7.22 16.41 -3.23
N ILE A 294 -7.21 17.54 -3.95
CA ILE A 294 -7.49 18.87 -3.34
C ILE A 294 -8.86 19.28 -3.88
N LYS A 295 -9.81 19.60 -3.00
CA LYS A 295 -11.11 20.13 -3.44
C LYS A 295 -11.05 21.64 -3.28
N CYS A 296 -11.30 22.37 -4.40
CA CYS A 296 -11.03 23.82 -4.52
C CYS A 296 -12.34 24.50 -4.90
N ILE A 297 -12.78 25.54 -4.20
CA ILE A 297 -14.03 26.24 -4.60
C ILE A 297 -13.69 27.72 -4.82
N VAL A 298 -13.86 28.17 -6.05
CA VAL A 298 -13.62 29.56 -6.44
C VAL A 298 -14.97 30.27 -6.51
N TYR A 299 -15.09 31.37 -5.76
CA TYR A 299 -16.32 32.18 -5.68
C TYR A 299 -16.21 33.37 -6.62
N TYR A 300 -17.39 33.72 -7.18
CA TYR A 300 -17.60 34.85 -8.11
C TYR A 300 -18.81 35.67 -7.70
N LYS A 301 -18.87 36.88 -8.24
CA LYS A 301 -20.02 37.81 -7.98
C LYS A 301 -21.31 37.21 -8.50
N GLU A 302 -21.28 36.51 -9.62
CA GLU A 302 -22.44 35.95 -10.32
C GLU A 302 -22.02 34.67 -11.02
N PRO A 303 -22.97 33.75 -11.27
CA PRO A 303 -22.70 32.51 -12.03
C PRO A 303 -22.69 32.83 -13.53
N PHE A 304 -21.63 33.53 -13.92
CA PHE A 304 -21.52 34.21 -15.22
C PHE A 304 -21.55 33.18 -16.36
N TRP A 305 -21.09 31.97 -16.09
CA TRP A 305 -20.98 30.91 -17.11
C TRP A 305 -22.39 30.58 -17.64
N ARG A 306 -23.42 30.70 -16.79
CA ARG A 306 -24.81 30.34 -17.20
C ARG A 306 -25.28 31.29 -18.30
N LYS A 307 -24.80 32.53 -18.31
CA LYS A 307 -25.16 33.53 -19.36
C LYS A 307 -24.57 33.13 -20.72
N LYS A 308 -23.49 32.34 -20.76
CA LYS A 308 -22.92 31.76 -22.00
C LYS A 308 -23.50 30.37 -22.32
N ASP A 309 -24.54 29.95 -21.61
CA ASP A 309 -25.23 28.66 -21.79
C ASP A 309 -24.23 27.56 -21.44
N TYR A 310 -23.45 27.78 -20.38
CA TYR A 310 -22.64 26.74 -19.73
C TYR A 310 -23.13 26.46 -18.33
N CYS A 311 -23.30 25.19 -17.94
CA CYS A 311 -23.87 24.89 -16.61
C CYS A 311 -22.80 25.06 -15.53
N GLY A 312 -21.52 25.00 -15.90
CA GLY A 312 -20.39 25.08 -14.95
C GLY A 312 -19.62 23.75 -14.90
N THR A 313 -20.10 22.71 -15.54
CA THR A 313 -19.41 21.39 -15.65
C THR A 313 -18.34 21.49 -16.73
N MET A 314 -17.10 21.18 -16.37
CA MET A 314 -15.94 21.20 -17.26
C MET A 314 -15.23 19.87 -17.03
N ILE A 315 -15.01 19.16 -18.14
CA ILE A 315 -14.24 17.92 -18.18
C ILE A 315 -12.97 18.29 -18.95
N ILE A 316 -11.86 18.36 -18.25
CA ILE A 316 -10.65 19.05 -18.76
C ILE A 316 -9.51 18.04 -18.85
N ASP A 317 -9.11 17.73 -20.06
CA ASP A 317 -8.02 16.78 -20.31
C ASP A 317 -6.72 17.58 -20.50
N GLY A 318 -5.62 17.05 -20.02
CA GLY A 318 -4.31 17.67 -20.29
C GLY A 318 -3.51 17.80 -19.03
N GLU A 319 -2.23 17.48 -19.13
CA GLU A 319 -1.30 17.51 -17.99
C GLU A 319 -1.26 18.92 -17.41
N GLU A 320 -1.32 19.99 -18.22
CA GLU A 320 -1.09 21.36 -17.70
C GLU A 320 -2.30 21.77 -16.85
N ALA A 321 -3.49 21.27 -17.16
CA ALA A 321 -4.67 21.70 -16.38
C ALA A 321 -4.51 21.23 -14.94
N PRO A 322 -4.56 22.12 -13.92
CA PRO A 322 -4.53 21.66 -12.53
C PRO A 322 -5.75 20.83 -12.16
N VAL A 323 -6.89 21.23 -12.68
CA VAL A 323 -8.22 20.65 -12.35
C VAL A 323 -8.74 19.92 -13.57
N ALA A 324 -9.14 18.65 -13.43
CA ALA A 324 -9.69 17.87 -14.54
C ALA A 324 -11.23 17.91 -14.54
N TYR A 325 -11.86 18.36 -13.46
CA TYR A 325 -13.33 18.29 -13.39
C TYR A 325 -13.86 19.39 -12.48
N THR A 326 -14.92 20.01 -12.96
CA THR A 326 -15.65 21.02 -12.19
C THR A 326 -17.15 20.79 -12.22
N LEU A 327 -17.81 21.34 -11.21
CA LEU A 327 -19.29 21.48 -11.12
C LEU A 327 -19.61 22.88 -10.60
N ASP A 328 -20.72 23.42 -11.05
CA ASP A 328 -21.36 24.60 -10.43
C ASP A 328 -21.58 24.31 -8.95
N ASP A 329 -21.13 25.19 -8.06
CA ASP A 329 -21.32 25.03 -6.58
C ASP A 329 -22.15 26.21 -6.05
N THR A 330 -22.79 26.96 -6.93
CA THR A 330 -23.71 28.07 -6.57
C THR A 330 -24.80 27.55 -5.63
N LYS A 331 -25.19 28.36 -4.65
CA LYS A 331 -26.27 27.96 -3.72
C LYS A 331 -27.59 27.84 -4.49
N PRO A 332 -28.57 27.06 -3.96
CA PRO A 332 -29.82 26.84 -4.68
C PRO A 332 -30.57 28.15 -4.88
N GLU A 333 -30.35 29.14 -4.02
CA GLU A 333 -31.00 30.49 -4.08
C GLU A 333 -30.40 31.31 -5.23
N GLY A 334 -29.24 30.89 -5.77
CA GLY A 334 -28.61 31.52 -6.94
C GLY A 334 -27.49 32.43 -6.52
N ASN A 335 -27.24 32.55 -5.21
CA ASN A 335 -26.17 33.42 -4.67
C ASN A 335 -24.97 32.56 -4.27
N TYR A 336 -23.91 33.22 -3.82
CA TYR A 336 -22.59 32.64 -3.48
C TYR A 336 -22.13 31.84 -4.71
N ALA A 337 -22.23 32.45 -5.87
CA ALA A 337 -21.79 31.80 -7.13
C ALA A 337 -20.39 31.22 -6.97
N ALA A 338 -20.21 30.00 -7.42
CA ALA A 338 -18.94 29.30 -7.20
C ALA A 338 -18.76 28.18 -8.21
N ILE A 339 -17.51 27.85 -8.48
CA ILE A 339 -17.08 26.65 -9.24
CA ILE A 339 -17.09 26.64 -9.24
C ILE A 339 -16.30 25.74 -8.28
N MET A 340 -16.74 24.51 -8.17
CA MET A 340 -15.99 23.46 -7.44
C MET A 340 -15.12 22.75 -8.45
N GLY A 341 -13.86 22.56 -8.12
CA GLY A 341 -12.95 21.75 -8.96
C GLY A 341 -12.13 20.79 -8.13
N PHE A 342 -11.76 19.65 -8.70
CA PHE A 342 -10.88 18.68 -8.05
C PHE A 342 -9.49 18.73 -8.72
N ILE A 343 -8.44 18.79 -7.91
CA ILE A 343 -7.04 18.56 -8.36
C ILE A 343 -6.72 17.12 -8.01
N LEU A 344 -6.48 16.26 -9.01
CA LEU A 344 -6.57 14.79 -8.80
C LEU A 344 -5.19 14.12 -8.78
N ALA A 345 -5.04 13.12 -7.94
CA ALA A 345 -3.98 12.09 -8.03
C ALA A 345 -2.61 12.76 -8.06
N HIS A 346 -1.73 12.53 -9.04
CA HIS A 346 -0.38 13.14 -8.96
C HIS A 346 -0.44 14.68 -8.88
N LYS A 347 -1.43 15.33 -9.47
CA LYS A 347 -1.50 16.81 -9.45
C LYS A 347 -1.74 17.33 -8.03
N ALA A 348 -2.44 16.56 -7.18
CA ALA A 348 -2.68 16.93 -5.76
C ALA A 348 -1.31 16.94 -5.08
N ARG A 349 -0.40 16.03 -5.48
CA ARG A 349 0.97 15.99 -4.87
C ARG A 349 1.83 17.11 -5.48
N LYS A 350 1.84 17.24 -6.79
CA LYS A 350 2.66 18.24 -7.55
C LYS A 350 2.28 19.65 -7.11
N LEU A 351 0.99 19.99 -7.03
CA LEU A 351 0.58 21.39 -6.77
C LEU A 351 0.41 21.71 -5.28
N ALA A 352 0.60 20.76 -4.39
CA ALA A 352 0.51 21.00 -2.92
C ALA A 352 1.62 21.95 -2.47
N ARG A 353 2.71 22.01 -3.22
CA ARG A 353 3.91 22.85 -2.99
C ARG A 353 3.54 24.35 -3.06
N LEU A 354 2.59 24.69 -3.94
CA LEU A 354 2.21 26.10 -4.21
C LEU A 354 1.54 26.71 -2.98
N THR A 355 1.43 28.03 -2.91
CA THR A 355 0.60 28.70 -1.90
C THR A 355 -0.87 28.56 -2.31
N LYS A 356 -1.77 28.82 -1.38
CA LYS A 356 -3.21 28.92 -1.66
C LYS A 356 -3.43 29.96 -2.76
N GLU A 357 -2.77 31.12 -2.68
CA GLU A 357 -2.96 32.20 -3.69
C GLU A 357 -2.46 31.74 -5.05
N GLU A 358 -1.33 31.05 -5.12
CA GLU A 358 -0.84 30.51 -6.40
C GLU A 358 -1.83 29.50 -7.02
N ARG A 359 -2.40 28.59 -6.22
CA ARG A 359 -3.40 27.63 -6.76
C ARG A 359 -4.63 28.42 -7.25
N LEU A 360 -5.09 29.41 -6.50
CA LEU A 360 -6.28 30.18 -6.97
C LEU A 360 -5.97 30.79 -8.35
N LYS A 361 -4.80 31.37 -8.51
CA LYS A 361 -4.45 32.03 -9.79
C LYS A 361 -4.45 31.01 -10.91
N LYS A 362 -3.81 29.86 -10.72
CA LYS A 362 -3.80 28.83 -11.79
C LYS A 362 -5.22 28.37 -12.12
N LEU A 363 -6.08 28.19 -11.11
CA LEU A 363 -7.47 27.72 -11.38
C LEU A 363 -8.20 28.81 -12.16
N CYS A 364 -8.09 30.08 -11.78
CA CYS A 364 -8.82 31.18 -12.49
C CYS A 364 -8.35 31.25 -13.94
N GLU A 365 -7.05 31.08 -14.17
CA GLU A 365 -6.53 31.18 -15.55
C GLU A 365 -7.06 30.00 -16.38
N LEU A 366 -7.15 28.80 -15.79
CA LEU A 366 -7.66 27.62 -16.48
C LEU A 366 -9.15 27.86 -16.82
N TYR A 367 -9.93 28.28 -15.84
CA TYR A 367 -11.38 28.48 -16.02
C TYR A 367 -11.58 29.59 -17.07
N ALA A 368 -10.78 30.64 -17.07
CA ALA A 368 -10.94 31.73 -18.05
C ALA A 368 -10.78 31.11 -19.44
N LYS A 369 -9.77 30.28 -19.64
CA LYS A 369 -9.54 29.68 -20.99
C LYS A 369 -10.69 28.72 -21.34
N VAL A 370 -11.04 27.82 -20.44
CA VAL A 370 -12.05 26.77 -20.76
C VAL A 370 -13.40 27.41 -21.02
N LEU A 371 -13.77 28.43 -20.26
CA LEU A 371 -15.09 29.11 -20.37
C LEU A 371 -15.04 30.25 -21.40
N GLY A 372 -13.85 30.55 -21.96
CA GLY A 372 -13.67 31.69 -22.87
C GLY A 372 -14.13 32.98 -22.22
N SER A 373 -13.88 33.13 -20.93
CA SER A 373 -14.45 34.22 -20.09
C SER A 373 -13.39 34.93 -19.27
N LEU A 374 -13.13 36.22 -19.55
CA LEU A 374 -12.26 37.04 -18.68
C LEU A 374 -12.85 37.18 -17.27
N GLU A 375 -14.17 37.05 -17.08
CA GLU A 375 -14.78 37.20 -15.74
C GLU A 375 -14.20 36.15 -14.80
N ALA A 376 -13.71 35.01 -15.32
CA ALA A 376 -13.18 33.94 -14.43
C ALA A 376 -11.92 34.42 -13.74
N LEU A 377 -11.31 35.53 -14.19
CA LEU A 377 -10.07 36.02 -13.54
C LEU A 377 -10.44 36.96 -12.39
N GLU A 378 -11.73 37.07 -12.05
CA GLU A 378 -12.20 38.03 -11.01
C GLU A 378 -12.86 37.33 -9.84
N PRO A 379 -12.17 36.40 -9.18
CA PRO A 379 -12.77 35.72 -8.04
C PRO A 379 -12.97 36.69 -6.87
N VAL A 380 -13.95 36.37 -6.04
CA VAL A 380 -14.23 37.20 -4.82
C VAL A 380 -13.84 36.46 -3.56
N HIS A 381 -13.60 35.15 -3.63
CA HIS A 381 -13.33 34.32 -2.46
C HIS A 381 -12.83 32.96 -2.94
N TYR A 382 -12.10 32.28 -2.06
CA TYR A 382 -11.52 30.97 -2.38
C TYR A 382 -11.53 30.13 -1.12
N GLU A 383 -11.90 28.85 -1.24
CA GLU A 383 -11.69 27.86 -0.15
C GLU A 383 -11.16 26.57 -0.74
N GLU A 384 -10.33 25.86 0.00
CA GLU A 384 -9.76 24.60 -0.53
C GLU A 384 -9.44 23.67 0.65
N LYS A 385 -9.37 22.39 0.37
CA LYS A 385 -8.83 21.40 1.31
C LYS A 385 -8.06 20.31 0.56
N ASN A 386 -6.80 20.15 0.94
CA ASN A 386 -5.96 19.02 0.49
C ASN A 386 -6.13 17.87 1.48
N TRP A 387 -6.88 16.84 1.08
CA TRP A 387 -7.18 15.72 2.00
C TRP A 387 -5.94 14.85 2.21
N CYS A 388 -4.89 15.02 1.41
CA CYS A 388 -3.66 14.18 1.59
C CYS A 388 -2.96 14.51 2.92
N GLU A 389 -3.24 15.65 3.55
CA GLU A 389 -2.51 16.08 4.77
C GLU A 389 -3.19 15.59 6.05
N GLU A 390 -4.38 14.97 5.97
CA GLU A 390 -5.17 14.55 7.16
C GLU A 390 -4.63 13.24 7.76
N GLN A 391 -4.13 13.34 8.99
CA GLN A 391 -3.64 12.18 9.75
C GLN A 391 -4.79 11.17 9.94
N TYR A 392 -6.01 11.65 10.19
CA TYR A 392 -7.13 10.77 10.56
C TYR A 392 -8.05 10.51 9.37
N SER A 393 -7.61 10.79 8.14
CA SER A 393 -8.28 10.31 6.91
C SER A 393 -7.28 9.49 6.09
N GLY A 394 -6.09 10.03 5.83
CA GLY A 394 -5.07 9.40 4.96
C GLY A 394 -5.18 9.81 3.49
N GLY A 395 -6.28 10.45 3.08
CA GLY A 395 -6.60 10.87 1.72
C GLY A 395 -8.12 10.89 1.48
N CYS A 396 -8.51 11.02 0.22
CA CYS A 396 -9.89 11.04 -0.23
C CYS A 396 -9.88 10.62 -1.70
N TYR A 397 -11.05 10.21 -2.25
CA TYR A 397 -12.30 10.02 -1.52
C TYR A 397 -12.23 8.78 -0.63
N THR A 398 -11.50 7.78 -1.11
CA THR A 398 -11.58 6.43 -0.52
C THR A 398 -10.30 5.64 -0.77
N THR A 399 -10.32 4.44 -0.24
CA THR A 399 -9.25 3.44 -0.33
C THR A 399 -9.22 2.79 -1.70
N TYR A 400 -8.07 2.79 -2.35
CA TYR A 400 -7.91 1.99 -3.60
C TYR A 400 -7.02 0.77 -3.32
N PHE A 401 -7.20 -0.22 -4.18
CA PHE A 401 -6.44 -1.49 -4.10
C PHE A 401 -5.45 -1.55 -5.25
N PRO A 402 -4.13 -1.57 -4.97
CA PRO A 402 -3.13 -1.81 -6.00
C PRO A 402 -3.22 -3.22 -6.56
N PRO A 403 -2.55 -3.51 -7.69
CA PRO A 403 -2.63 -4.83 -8.30
C PRO A 403 -2.31 -5.93 -7.28
N GLY A 404 -3.10 -6.99 -7.32
CA GLY A 404 -2.84 -8.23 -6.58
C GLY A 404 -3.43 -8.24 -5.19
N ILE A 405 -3.96 -7.12 -4.68
CA ILE A 405 -4.30 -7.05 -3.24
C ILE A 405 -5.70 -7.57 -3.03
N LEU A 406 -6.66 -7.18 -3.88
CA LEU A 406 -8.07 -7.52 -3.62
C LEU A 406 -8.27 -9.04 -3.66
N THR A 407 -7.58 -9.78 -4.51
CA THR A 407 -7.79 -11.24 -4.55
C THR A 407 -7.09 -11.90 -3.35
N GLN A 408 -6.00 -11.36 -2.86
CA GLN A 408 -5.19 -12.01 -1.80
C GLN A 408 -5.76 -11.65 -0.43
N TYR A 409 -6.29 -10.45 -0.26
CA TYR A 409 -6.60 -9.90 1.08
C TYR A 409 -8.04 -9.43 1.16
N GLY A 410 -8.75 -9.28 0.04
CA GLY A 410 -10.10 -8.67 0.10
C GLY A 410 -11.10 -9.44 0.97
N ARG A 411 -10.98 -10.76 1.06
CA ARG A 411 -11.92 -11.57 1.89
C ARG A 411 -11.91 -11.06 3.34
N VAL A 412 -10.83 -10.47 3.84
CA VAL A 412 -10.82 -10.19 5.31
C VAL A 412 -11.22 -8.74 5.57
N LEU A 413 -11.58 -7.93 4.56
CA LEU A 413 -11.88 -6.51 4.78
C LEU A 413 -12.97 -6.35 5.87
N ARG A 414 -14.06 -7.13 5.82
CA ARG A 414 -15.14 -6.96 6.84
C ARG A 414 -15.31 -8.24 7.67
N GLN A 415 -14.29 -9.07 7.70
CA GLN A 415 -14.33 -10.27 8.57
C GLN A 415 -14.11 -9.83 10.03
N PRO A 416 -15.05 -10.13 10.95
CA PRO A 416 -14.84 -9.76 12.35
C PRO A 416 -13.55 -10.36 12.92
N VAL A 417 -12.97 -9.64 13.86
CA VAL A 417 -11.76 -10.11 14.60
C VAL A 417 -12.19 -10.24 16.06
N ASP A 418 -12.60 -11.45 16.42
CA ASP A 418 -13.18 -11.80 17.74
C ASP A 418 -14.40 -10.89 17.97
N ARG A 419 -14.29 -9.82 18.76
CA ARG A 419 -15.44 -8.94 19.07
C ARG A 419 -15.33 -7.58 18.41
N ILE A 420 -14.37 -7.42 17.48
CA ILE A 420 -14.27 -6.23 16.61
C ILE A 420 -14.99 -6.52 15.28
N TYR A 421 -15.92 -5.65 14.93
CA TYR A 421 -16.70 -5.68 13.66
C TYR A 421 -16.30 -4.45 12.86
N PHE A 422 -16.37 -4.52 11.54
CA PHE A 422 -15.79 -3.49 10.66
C PHE A 422 -16.84 -2.77 9.84
N ALA A 423 -16.90 -1.46 10.06
CA ALA A 423 -17.79 -0.55 9.32
C ALA A 423 -16.91 0.29 8.39
N GLY A 424 -17.34 1.49 8.03
CA GLY A 424 -16.58 2.33 7.10
C GLY A 424 -16.97 2.04 5.67
N THR A 425 -17.02 3.07 4.86
CA THR A 425 -17.53 2.96 3.49
C THR A 425 -16.78 1.89 2.69
N GLU A 426 -15.50 1.66 2.98
CA GLU A 426 -14.71 0.68 2.25
C GLU A 426 -15.29 -0.71 2.34
N THR A 427 -16.09 -1.00 3.37
CA THR A 427 -16.65 -2.35 3.59
C THR A 427 -18.07 -2.47 3.02
N ALA A 428 -18.60 -1.43 2.38
CA ALA A 428 -19.92 -1.51 1.71
C ALA A 428 -19.89 -2.32 0.43
N THR A 429 -21.07 -2.76 0.01
CA THR A 429 -21.25 -3.51 -1.26
C THR A 429 -22.05 -2.70 -2.28
N HIS A 430 -22.55 -1.54 -1.91
CA HIS A 430 -23.31 -0.65 -2.82
C HIS A 430 -22.87 0.78 -2.51
N TRP A 431 -22.23 1.44 -3.48
CA TRP A 431 -21.62 2.79 -3.31
C TRP A 431 -20.61 2.79 -2.15
N SER A 432 -19.85 1.72 -2.06
CA SER A 432 -18.55 1.76 -1.35
C SER A 432 -17.75 2.96 -1.87
N GLY A 433 -17.13 3.72 -0.94
CA GLY A 433 -16.35 4.93 -1.25
C GLY A 433 -17.13 6.20 -1.03
N TYR A 434 -18.46 6.10 -0.88
CA TYR A 434 -19.40 7.24 -0.79
C TYR A 434 -20.03 7.32 0.60
N MET A 435 -20.73 8.41 0.83
CA MET A 435 -21.55 8.59 2.05
C MET A 435 -22.58 7.47 2.13
N GLU A 436 -23.16 7.05 0.99
CA GLU A 436 -24.13 5.93 0.95
C GLU A 436 -23.52 4.66 1.54
N GLY A 437 -22.34 4.27 1.04
CA GLY A 437 -21.62 3.11 1.54
C GLY A 437 -21.32 3.22 3.02
N ALA A 438 -20.99 4.41 3.50
CA ALA A 438 -20.75 4.59 4.94
C ALA A 438 -21.99 4.16 5.73
N VAL A 439 -23.18 4.60 5.28
CA VAL A 439 -24.41 4.22 6.01
C VAL A 439 -24.62 2.72 5.92
N GLU A 440 -24.50 2.11 4.74
CA GLU A 440 -24.72 0.67 4.56
C GLU A 440 -23.82 -0.09 5.53
N ALA A 441 -22.54 0.25 5.56
CA ALA A 441 -21.57 -0.49 6.40
C ALA A 441 -21.76 -0.28 7.89
N GLY A 442 -22.10 0.94 8.32
CA GLY A 442 -22.29 1.25 9.74
C GLY A 442 -23.49 0.49 10.27
N GLU A 443 -24.58 0.49 9.51
CA GLU A 443 -25.82 -0.22 9.93
C GLU A 443 -25.65 -1.72 9.85
N ARG A 444 -24.92 -2.24 8.87
CA ARG A 444 -24.64 -3.68 8.76
C ARG A 444 -23.77 -4.11 9.93
N ALA A 445 -22.69 -3.37 10.27
CA ALA A 445 -21.82 -3.76 11.40
C ALA A 445 -22.63 -3.78 12.71
N ALA A 446 -23.44 -2.75 12.91
CA ALA A 446 -24.30 -2.66 14.10
C ALA A 446 -25.20 -3.89 14.17
N ARG A 447 -25.83 -4.29 13.08
CA ARG A 447 -26.73 -5.49 13.05
CA ARG A 447 -26.74 -5.48 13.05
C ARG A 447 -25.92 -6.78 13.24
N GLU A 448 -24.67 -6.84 12.77
CA GLU A 448 -23.84 -8.03 13.11
C GLU A 448 -23.72 -8.18 14.62
N ILE A 449 -23.55 -7.08 15.32
CA ILE A 449 -23.40 -7.11 16.81
C ILE A 449 -24.79 -7.43 17.40
N LEU A 450 -25.88 -6.89 16.88
CA LEU A 450 -27.23 -7.25 17.41
C LEU A 450 -27.45 -8.76 17.26
N HIS A 451 -26.97 -9.35 16.17
CA HIS A 451 -27.10 -10.78 15.91
C HIS A 451 -26.22 -11.53 16.92
N ALA A 452 -24.97 -11.10 17.14
CA ALA A 452 -24.04 -11.73 18.09
C ALA A 452 -24.68 -11.75 19.48
N MET A 453 -25.50 -10.75 19.81
CA MET A 453 -26.12 -10.61 21.15
C MET A 453 -27.44 -11.39 21.22
N GLY A 454 -27.82 -12.05 20.12
CA GLY A 454 -29.07 -12.83 19.99
C GLY A 454 -30.32 -11.94 19.92
N LYS A 455 -30.19 -10.68 19.50
CA LYS A 455 -31.32 -9.70 19.46
C LYS A 455 -32.07 -9.78 18.13
N ILE A 456 -31.42 -10.19 17.04
CA ILE A 456 -32.05 -10.31 15.70
C ILE A 456 -31.54 -11.57 15.07
N PRO A 457 -32.31 -12.19 14.17
CA PRO A 457 -31.86 -13.39 13.46
C PRO A 457 -30.86 -13.04 12.35
N GLU A 458 -30.13 -14.03 11.87
CA GLU A 458 -29.04 -13.83 10.88
C GLU A 458 -29.56 -13.15 9.61
N ASP A 459 -30.77 -13.45 9.16
CA ASP A 459 -31.29 -12.86 7.90
C ASP A 459 -31.63 -11.38 8.06
N GLU A 460 -31.50 -10.75 9.22
CA GLU A 460 -31.72 -9.31 9.39
C GLU A 460 -30.38 -8.56 9.41
N ILE A 461 -29.27 -9.25 9.25
CA ILE A 461 -27.94 -8.55 9.29
C ILE A 461 -27.83 -7.62 8.06
N TRP A 462 -28.11 -8.16 6.87
CA TRP A 462 -28.11 -7.40 5.59
C TRP A 462 -29.57 -7.01 5.32
N GLN A 463 -29.90 -5.74 5.20
CA GLN A 463 -31.29 -5.27 5.04
C GLN A 463 -31.35 -4.46 3.75
N SER A 464 -32.32 -4.76 2.89
CA SER A 464 -32.57 -3.95 1.66
C SER A 464 -33.12 -2.59 2.09
N GLU A 465 -33.06 -1.57 1.21
CA GLU A 465 -33.51 -0.19 1.52
C GLU A 465 -34.60 0.16 0.53
N PRO A 466 -35.78 0.61 1.00
CA PRO A 466 -36.79 1.14 0.08
C PRO A 466 -36.25 2.31 -0.74
N GLU A 467 -36.71 2.41 -1.98
CA GLU A 467 -36.35 3.51 -2.89
C GLU A 467 -36.88 4.83 -2.33
N SER A 468 -36.05 5.87 -2.33
CA SER A 468 -36.42 7.26 -1.97
C SER A 468 -37.65 7.67 -2.80
N VAL A 469 -38.64 8.27 -2.15
CA VAL A 469 -39.79 8.82 -2.92
C VAL A 469 -39.39 10.22 -3.43
N ASP A 470 -38.36 10.85 -2.87
CA ASP A 470 -37.94 12.23 -3.23
C ASP A 470 -36.96 12.19 -4.42
N VAL A 471 -36.17 11.13 -4.49
CA VAL A 471 -35.07 11.04 -5.49
C VAL A 471 -35.26 9.74 -6.23
N PRO A 472 -36.20 9.72 -7.18
CA PRO A 472 -36.48 8.49 -7.93
C PRO A 472 -35.33 8.19 -8.91
N ALA A 473 -35.02 6.93 -9.12
CA ALA A 473 -33.91 6.48 -9.99
C ALA A 473 -34.46 6.07 -11.36
N GLN A 474 -34.07 6.82 -12.39
CA GLN A 474 -34.38 6.42 -13.76
C GLN A 474 -33.48 5.24 -14.05
N PRO A 475 -33.96 4.23 -14.79
CA PRO A 475 -33.16 3.08 -15.12
C PRO A 475 -32.05 3.48 -16.11
N ILE A 476 -31.00 2.67 -16.10
CA ILE A 476 -29.87 2.79 -17.06
C ILE A 476 -30.27 2.00 -18.30
N THR A 477 -30.31 2.64 -19.44
CA THR A 477 -30.76 2.00 -20.71
C THR A 477 -29.67 2.19 -21.74
N THR A 478 -29.66 1.30 -22.72
CA THR A 478 -28.77 1.38 -23.92
C THR A 478 -29.63 1.31 -25.18
N THR A 479 -29.08 1.78 -26.29
CA THR A 479 -29.74 1.66 -27.63
C THR A 479 -29.24 0.39 -28.28
N PHE A 480 -29.99 -0.12 -29.26
CA PHE A 480 -29.56 -1.26 -30.11
C PHE A 480 -28.14 -1.05 -30.64
N LEU A 481 -27.86 0.13 -31.18
CA LEU A 481 -26.55 0.41 -31.82
C LEU A 481 -25.44 0.38 -30.75
N GLU A 482 -25.72 0.93 -29.56
CA GLU A 482 -24.74 0.93 -28.43
C GLU A 482 -24.44 -0.53 -28.10
N ARG A 483 -25.47 -1.38 -28.02
CA ARG A 483 -25.28 -2.80 -27.63
C ARG A 483 -24.51 -3.57 -28.72
N HIS A 484 -24.75 -3.32 -30.00
CA HIS A 484 -24.30 -4.26 -31.07
C HIS A 484 -23.25 -3.63 -32.00
N LEU A 485 -22.93 -2.33 -31.92
CA LEU A 485 -21.86 -1.82 -32.79
C LEU A 485 -20.57 -2.54 -32.44
N PRO A 486 -19.75 -2.88 -33.45
CA PRO A 486 -18.52 -3.63 -33.18
C PRO A 486 -17.50 -2.71 -32.47
N SER A 487 -16.55 -3.36 -31.78
CA SER A 487 -15.31 -2.72 -31.31
C SER A 487 -14.45 -2.41 -32.53
N VAL A 488 -13.36 -1.69 -32.36
CA VAL A 488 -12.40 -1.48 -33.47
C VAL A 488 -11.86 -2.84 -33.93
N PRO A 489 -11.35 -3.73 -33.04
CA PRO A 489 -10.84 -5.01 -33.51
C PRO A 489 -11.94 -5.89 -34.11
N GLY A 490 -13.14 -5.79 -33.58
CA GLY A 490 -14.36 -6.43 -34.14
C GLY A 490 -14.58 -5.98 -35.57
N LEU A 491 -14.49 -4.67 -35.84
CA LEU A 491 -14.64 -4.13 -37.22
C LEU A 491 -13.50 -4.69 -38.11
N LEU A 492 -12.29 -4.78 -37.58
CA LEU A 492 -11.11 -5.20 -38.40
C LEU A 492 -11.28 -6.68 -38.75
N ARG A 493 -11.79 -7.49 -37.81
CA ARG A 493 -12.09 -8.94 -38.04
C ARG A 493 -13.14 -9.03 -39.15
N LEU A 494 -14.19 -8.19 -39.12
CA LEU A 494 -15.25 -8.14 -40.16
C LEU A 494 -14.62 -7.81 -41.53
N ILE A 495 -13.77 -6.78 -41.61
CA ILE A 495 -13.03 -6.37 -42.85
C ILE A 495 -12.16 -7.55 -43.34
N GLY A 496 -11.30 -8.10 -42.49
CA GLY A 496 -10.48 -9.28 -42.79
C GLY A 496 -11.29 -10.38 -43.45
N LEU A 497 -12.44 -10.74 -42.88
CA LEU A 497 -13.31 -11.85 -43.37
C LEU A 497 -13.92 -11.48 -44.73
N THR A 498 -14.48 -10.28 -44.89
CA THR A 498 -15.01 -9.79 -46.19
C THR A 498 -13.92 -9.97 -47.26
N THR A 499 -12.72 -9.39 -47.05
CA THR A 499 -11.61 -9.33 -48.05
C THR A 499 -11.08 -10.76 -48.31
N ILE A 500 -11.15 -11.66 -47.33
CA ILE A 500 -10.91 -13.14 -47.46
C ILE A 500 -12.21 -13.84 -47.88
N SER B 1 9.31 12.69 33.30
CA SER B 1 9.80 12.16 31.97
C SER B 1 11.27 11.73 32.07
N ASN B 2 11.67 10.72 31.30
CA ASN B 2 13.05 10.19 31.26
C ASN B 2 13.85 11.02 30.23
N LYS B 3 14.90 11.76 30.62
CA LYS B 3 15.53 12.76 29.72
C LYS B 3 16.80 12.16 29.12
N CYS B 4 17.04 12.38 27.83
CA CYS B 4 18.23 11.86 27.15
C CYS B 4 18.56 12.75 25.97
N ASP B 5 19.66 12.48 25.27
CA ASP B 5 20.07 13.26 24.09
C ASP B 5 19.22 12.78 22.89
N VAL B 6 19.16 11.46 22.71
CA VAL B 6 18.50 10.90 21.49
C VAL B 6 17.67 9.68 21.92
N VAL B 7 16.44 9.63 21.45
CA VAL B 7 15.59 8.42 21.56
C VAL B 7 15.64 7.72 20.19
N VAL B 8 15.98 6.44 20.20
CA VAL B 8 15.93 5.59 18.99
C VAL B 8 14.67 4.76 19.14
N VAL B 9 13.79 4.87 18.15
CA VAL B 9 12.59 4.03 18.11
C VAL B 9 12.92 2.77 17.30
N GLY B 10 12.92 1.64 17.95
CA GLY B 10 13.24 0.35 17.33
C GLY B 10 14.62 -0.17 17.66
N GLY B 11 14.67 -1.42 18.11
CA GLY B 11 15.88 -2.15 18.52
C GLY B 11 16.20 -3.29 17.57
N GLY B 12 16.01 -3.10 16.27
CA GLY B 12 16.60 -3.93 15.23
C GLY B 12 18.05 -3.56 15.03
N ILE B 13 18.66 -4.12 14.02
CA ILE B 13 20.06 -3.82 13.71
C ILE B 13 20.24 -2.34 13.41
N SER B 14 19.31 -1.71 12.72
CA SER B 14 19.51 -0.31 12.34
C SER B 14 19.48 0.56 13.60
N GLY B 15 18.45 0.45 14.44
CA GLY B 15 18.33 1.25 15.67
C GLY B 15 19.50 0.97 16.62
N MET B 16 19.92 -0.29 16.73
CA MET B 16 21.03 -0.67 17.62
C MET B 16 22.32 -0.06 17.05
N ALA B 17 22.54 -0.11 15.75
CA ALA B 17 23.76 0.45 15.14
C ALA B 17 23.80 1.97 15.34
N ALA B 18 22.66 2.64 15.19
CA ALA B 18 22.52 4.11 15.42
C ALA B 18 22.81 4.41 16.90
N ALA B 19 22.21 3.65 17.81
CA ALA B 19 22.36 3.91 19.26
C ALA B 19 23.82 3.67 19.65
N LYS B 20 24.45 2.62 19.14
CA LYS B 20 25.86 2.36 19.47
C LYS B 20 26.75 3.51 19.00
N LEU B 21 26.55 4.00 17.78
CA LEU B 21 27.40 5.13 17.29
C LEU B 21 27.22 6.38 18.18
N LEU B 22 26.00 6.74 18.57
CA LEU B 22 25.71 7.94 19.39
C LEU B 22 26.29 7.73 20.78
N HIS B 23 26.10 6.55 21.38
CA HIS B 23 26.69 6.18 22.70
C HIS B 23 28.20 6.32 22.67
N ASP B 24 28.85 5.81 21.62
CA ASP B 24 30.31 5.78 21.50
C ASP B 24 30.82 7.22 21.37
N SER B 25 29.99 8.12 20.84
CA SER B 25 30.37 9.54 20.70
CA SER B 25 30.35 9.55 20.69
C SER B 25 30.11 10.31 22.00
N GLY B 26 29.54 9.68 23.03
CA GLY B 26 29.35 10.29 24.36
C GLY B 26 27.96 10.85 24.59
N LEU B 27 26.98 10.59 23.71
CA LEU B 27 25.60 11.01 23.95
C LEU B 27 24.84 9.96 24.77
N ASN B 28 23.87 10.45 25.50
CA ASN B 28 22.94 9.61 26.29
C ASN B 28 21.80 9.18 25.35
N VAL B 29 21.74 7.89 25.08
CA VAL B 29 20.75 7.34 24.13
C VAL B 29 19.82 6.43 24.89
N VAL B 30 18.57 6.37 24.44
CA VAL B 30 17.59 5.39 24.90
C VAL B 30 17.05 4.70 23.64
N VAL B 31 16.95 3.39 23.69
CA VAL B 31 16.28 2.62 22.61
C VAL B 31 14.94 2.13 23.10
N LEU B 32 13.87 2.49 22.41
CA LEU B 32 12.52 2.08 22.80
C LEU B 32 12.12 0.96 21.85
N GLU B 33 12.00 -0.26 22.36
CA GLU B 33 11.69 -1.43 21.53
C GLU B 33 10.30 -1.97 21.90
N ALA B 34 9.44 -2.18 20.90
CA ALA B 34 8.06 -2.62 21.12
C ALA B 34 8.04 -4.04 21.69
N ARG B 35 8.89 -4.94 21.18
CA ARG B 35 8.81 -6.37 21.52
C ARG B 35 9.51 -6.61 22.86
N ASP B 36 9.34 -7.82 23.39
CA ASP B 36 10.09 -8.31 24.54
C ASP B 36 11.48 -8.83 24.14
N ARG B 37 11.97 -8.53 22.93
CA ARG B 37 13.31 -8.90 22.49
C ARG B 37 13.82 -7.81 21.55
N VAL B 38 15.12 -7.82 21.33
CA VAL B 38 15.75 -7.02 20.26
C VAL B 38 15.93 -7.85 19.01
N GLY B 39 16.30 -7.19 17.93
CA GLY B 39 16.64 -7.90 16.68
C GLY B 39 15.65 -7.71 15.54
N GLY B 40 14.39 -7.51 15.85
CA GLY B 40 13.40 -7.16 14.82
C GLY B 40 13.28 -8.29 13.77
N ARG B 41 13.62 -8.01 12.51
CA ARG B 41 13.49 -8.98 11.43
C ARG B 41 14.65 -9.99 11.47
N THR B 42 15.58 -9.85 12.42
CA THR B 42 16.50 -10.96 12.81
C THR B 42 15.98 -11.57 14.09
N TYR B 43 16.02 -12.88 14.19
CA TYR B 43 15.57 -13.66 15.36
C TYR B 43 16.30 -14.99 15.34
N THR B 44 17.18 -15.19 16.30
CA THR B 44 17.90 -16.47 16.46
C THR B 44 17.24 -17.24 17.62
N LEU B 45 16.68 -18.41 17.36
CA LEU B 45 16.10 -19.31 18.39
C LEU B 45 17.20 -20.29 18.80
N ARG B 46 17.33 -20.56 20.09
CA ARG B 46 18.26 -21.56 20.64
C ARG B 46 17.42 -22.67 21.27
N ASN B 47 17.75 -23.93 20.98
CA ASN B 47 17.23 -25.10 21.75
C ASN B 47 18.15 -26.27 21.48
N GLN B 48 17.99 -27.37 22.21
CA GLN B 48 19.00 -28.45 22.14
C GLN B 48 18.92 -29.10 20.74
N LYS B 49 17.74 -29.09 20.15
CA LYS B 49 17.55 -29.82 18.85
C LYS B 49 18.31 -29.12 17.71
N VAL B 50 18.43 -27.78 17.70
CA VAL B 50 18.98 -27.00 16.55
C VAL B 50 20.30 -26.36 16.94
N LYS B 51 20.57 -26.31 18.25
CA LYS B 51 21.62 -25.48 18.88
C LYS B 51 21.21 -24.00 18.75
N TYR B 52 21.24 -23.49 17.55
CA TYR B 52 20.72 -22.14 17.22
C TYR B 52 20.18 -22.18 15.78
N VAL B 53 19.20 -21.35 15.47
CA VAL B 53 18.72 -21.25 14.07
C VAL B 53 18.26 -19.82 13.81
N ASP B 54 18.67 -19.26 12.68
CA ASP B 54 18.17 -17.94 12.24
C ASP B 54 16.78 -18.14 11.62
N LEU B 55 15.75 -17.59 12.23
CA LEU B 55 14.37 -17.69 11.69
C LEU B 55 14.05 -16.44 10.88
N GLY B 56 14.88 -15.40 11.00
CA GLY B 56 14.77 -14.18 10.21
C GLY B 56 16.01 -14.02 9.37
N GLY B 57 16.45 -12.80 9.18
CA GLY B 57 17.64 -12.54 8.37
C GLY B 57 18.86 -13.33 8.86
N SER B 58 19.66 -13.83 7.93
CA SER B 58 20.79 -14.75 8.26
C SER B 58 22.05 -14.51 7.43
N TYR B 59 21.91 -14.30 6.14
CA TYR B 59 23.06 -14.40 5.22
C TYR B 59 23.77 -13.05 5.12
N VAL B 60 25.07 -13.13 5.02
CA VAL B 60 25.92 -11.97 4.71
C VAL B 60 26.93 -12.41 3.65
N GLY B 61 27.53 -11.48 2.96
CA GLY B 61 28.44 -11.83 1.87
C GLY B 61 29.29 -10.66 1.45
N PRO B 62 30.17 -10.95 0.50
CA PRO B 62 31.11 -9.94 0.01
C PRO B 62 30.39 -8.66 -0.41
N THR B 63 31.01 -7.52 -0.09
CA THR B 63 30.60 -6.12 -0.37
C THR B 63 29.68 -5.62 0.73
N GLN B 64 29.27 -6.48 1.68
CA GLN B 64 28.47 -6.03 2.83
C GLN B 64 29.43 -5.69 4.00
N ASN B 65 30.22 -4.68 3.81
CA ASN B 65 31.38 -4.42 4.70
C ASN B 65 30.96 -3.84 6.04
N ARG B 66 29.83 -3.15 6.11
CA ARG B 66 29.40 -2.53 7.37
C ARG B 66 28.88 -3.56 8.38
N ILE B 67 28.01 -4.46 7.96
CA ILE B 67 27.53 -5.51 8.88
C ILE B 67 28.74 -6.40 9.25
N LEU B 68 29.64 -6.69 8.33
CA LEU B 68 30.78 -7.57 8.68
C LEU B 68 31.67 -6.87 9.73
N ARG B 69 31.91 -5.60 9.57
CA ARG B 69 32.77 -4.82 10.51
C ARG B 69 32.08 -4.71 11.89
N LEU B 70 30.80 -4.35 11.93
CA LEU B 70 30.05 -4.26 13.19
C LEU B 70 30.03 -5.61 13.88
N ALA B 71 29.70 -6.69 13.16
CA ALA B 71 29.68 -8.04 13.79
C ALA B 71 31.08 -8.41 14.32
N LYS B 72 32.12 -8.13 13.53
CA LYS B 72 33.49 -8.51 13.98
C LYS B 72 33.84 -7.74 15.27
N GLU B 73 33.47 -6.48 15.36
CA GLU B 73 33.76 -5.66 16.56
C GLU B 73 33.04 -6.23 17.79
N LEU B 74 31.84 -6.78 17.60
CA LEU B 74 31.03 -7.40 18.67
C LEU B 74 31.51 -8.83 18.95
N GLY B 75 32.46 -9.37 18.22
CA GLY B 75 33.09 -10.65 18.60
C GLY B 75 32.53 -11.80 17.77
N LEU B 76 31.81 -11.54 16.70
CA LEU B 76 31.18 -12.60 15.88
C LEU B 76 32.11 -13.05 14.75
N GLU B 77 31.88 -14.27 14.29
CA GLU B 77 32.63 -14.93 13.21
C GLU B 77 31.59 -15.39 12.19
N THR B 78 32.03 -15.59 10.96
CA THR B 78 31.14 -16.16 9.92
C THR B 78 31.64 -17.53 9.50
N TYR B 79 30.76 -18.29 8.87
CA TYR B 79 31.13 -19.52 8.17
C TYR B 79 30.39 -19.51 6.84
N LYS B 80 30.89 -20.33 5.92
CA LYS B 80 30.37 -20.33 4.54
C LYS B 80 29.20 -21.28 4.44
N VAL B 81 28.14 -20.80 3.79
CA VAL B 81 27.00 -21.64 3.36
C VAL B 81 27.56 -22.72 2.42
N ASN B 82 27.15 -23.97 2.62
CA ASN B 82 27.72 -25.08 1.82
C ASN B 82 27.35 -24.92 0.34
N GLU B 83 28.33 -24.76 -0.54
CA GLU B 83 28.14 -24.75 -2.00
C GLU B 83 29.26 -25.55 -2.65
N VAL B 84 29.74 -26.59 -1.97
CA VAL B 84 30.84 -27.43 -2.53
C VAL B 84 30.34 -28.28 -3.69
N GLU B 85 29.18 -28.90 -3.54
CA GLU B 85 28.64 -29.86 -4.55
C GLU B 85 27.67 -29.15 -5.50
N ARG B 86 26.85 -29.92 -6.22
CA ARG B 86 26.05 -29.33 -7.32
C ARG B 86 24.78 -28.70 -6.79
N LEU B 87 24.38 -27.60 -7.44
CA LEU B 87 23.05 -27.04 -7.25
C LEU B 87 22.07 -27.87 -8.05
N ILE B 88 20.79 -27.73 -7.74
CA ILE B 88 19.72 -28.38 -8.51
C ILE B 88 18.74 -27.35 -9.04
N HIS B 89 18.40 -27.46 -10.31
CA HIS B 89 17.23 -26.78 -10.88
C HIS B 89 16.18 -27.86 -11.19
N HIS B 90 15.02 -27.78 -10.57
CA HIS B 90 13.94 -28.79 -10.75
C HIS B 90 12.92 -28.17 -11.70
N VAL B 91 12.89 -28.73 -12.91
CA VAL B 91 12.16 -28.20 -14.09
C VAL B 91 11.21 -29.30 -14.58
N LYS B 92 9.93 -28.96 -14.71
CA LYS B 92 8.91 -29.89 -15.29
C LYS B 92 9.08 -31.28 -14.67
N GLY B 93 9.12 -31.31 -13.33
CA GLY B 93 9.17 -32.58 -12.56
C GLY B 93 10.48 -33.34 -12.61
N LYS B 94 11.60 -32.74 -13.00
CA LYS B 94 12.88 -33.47 -13.03
C LYS B 94 13.99 -32.55 -12.51
N SER B 95 14.95 -33.15 -11.80
CA SER B 95 16.09 -32.42 -11.25
C SER B 95 17.26 -32.40 -12.26
N TYR B 96 17.79 -31.21 -12.51
CA TYR B 96 18.94 -30.95 -13.37
C TYR B 96 20.07 -30.35 -12.54
N PRO B 97 21.08 -31.13 -12.13
CA PRO B 97 22.18 -30.61 -11.33
C PRO B 97 23.06 -29.68 -12.18
N PHE B 98 23.59 -28.64 -11.56
CA PHE B 98 24.47 -27.68 -12.26
C PHE B 98 25.47 -27.07 -11.30
N ARG B 99 26.45 -26.39 -11.90
CA ARG B 99 27.44 -25.58 -11.17
C ARG B 99 27.39 -24.16 -11.72
N GLY B 100 27.90 -23.20 -10.95
CA GLY B 100 27.87 -21.78 -11.32
C GLY B 100 26.54 -21.20 -10.85
N PRO B 101 26.42 -19.87 -10.79
CA PRO B 101 25.28 -19.31 -10.06
C PRO B 101 23.95 -19.39 -10.80
N PHE B 102 23.97 -19.35 -12.14
CA PHE B 102 22.74 -19.25 -12.98
C PHE B 102 22.40 -20.61 -13.52
N PRO B 103 21.14 -21.05 -13.38
CA PRO B 103 20.71 -22.33 -13.91
C PRO B 103 20.84 -22.26 -15.42
N PRO B 104 21.53 -23.22 -16.01
CA PRO B 104 21.76 -23.26 -17.45
C PRO B 104 20.59 -23.77 -18.29
N VAL B 105 20.64 -23.38 -19.55
CA VAL B 105 19.62 -23.58 -20.60
C VAL B 105 20.35 -24.26 -21.76
N TRP B 106 19.71 -25.22 -22.39
CA TRP B 106 20.32 -25.95 -23.54
C TRP B 106 19.68 -25.54 -24.89
N ASN B 107 18.40 -25.23 -24.93
CA ASN B 107 17.74 -24.85 -26.20
C ASN B 107 18.37 -23.53 -26.65
N PRO B 108 18.79 -23.37 -27.92
CA PRO B 108 19.45 -22.14 -28.38
C PRO B 108 18.59 -20.86 -28.25
N ILE B 109 17.30 -20.98 -28.52
CA ILE B 109 16.38 -19.82 -28.45
C ILE B 109 16.22 -19.46 -26.96
N THR B 110 15.92 -20.44 -26.14
CA THR B 110 15.75 -20.23 -24.69
C THR B 110 17.04 -19.67 -24.12
N TYR B 111 18.20 -20.15 -24.58
CA TYR B 111 19.50 -19.61 -24.16
C TYR B 111 19.60 -18.10 -24.42
N LEU B 112 19.29 -17.66 -25.63
CA LEU B 112 19.39 -16.22 -25.97
C LEU B 112 18.44 -15.42 -25.05
N ASP B 113 17.25 -15.95 -24.86
CA ASP B 113 16.17 -15.27 -24.08
C ASP B 113 16.64 -15.13 -22.63
N HIS B 114 17.15 -16.19 -22.01
CA HIS B 114 17.64 -16.12 -20.60
C HIS B 114 18.81 -15.16 -20.51
N ASN B 115 19.77 -15.27 -21.43
CA ASN B 115 20.99 -14.43 -21.42
C ASN B 115 20.57 -12.95 -21.48
N ASN B 116 19.58 -12.67 -22.32
CA ASN B 116 19.14 -11.29 -22.55
C ASN B 116 18.44 -10.78 -21.30
N PHE B 117 17.65 -11.64 -20.67
CA PHE B 117 16.87 -11.20 -19.50
C PHE B 117 17.83 -10.71 -18.41
N TRP B 118 18.84 -11.50 -18.03
CA TRP B 118 19.74 -11.08 -16.93
C TRP B 118 20.56 -9.88 -17.34
N ARG B 119 21.08 -9.89 -18.58
CA ARG B 119 21.88 -8.77 -19.09
C ARG B 119 21.07 -7.48 -19.07
N THR B 120 19.81 -7.57 -19.46
CA THR B 120 18.93 -6.38 -19.56
C THR B 120 18.60 -5.86 -18.17
N MET B 121 18.43 -6.72 -17.17
CA MET B 121 18.19 -6.22 -15.79
C MET B 121 19.40 -5.35 -15.36
N ASP B 122 20.62 -5.76 -15.68
CA ASP B 122 21.80 -4.98 -15.27
C ASP B 122 21.97 -3.74 -16.17
N ASP B 123 21.70 -3.85 -17.46
CA ASP B 123 21.77 -2.66 -18.34
C ASP B 123 20.83 -1.56 -17.82
N MET B 124 19.61 -1.93 -17.45
CA MET B 124 18.62 -0.97 -16.96
C MET B 124 19.11 -0.40 -15.64
N GLY B 125 19.63 -1.24 -14.74
CA GLY B 125 20.19 -0.78 -13.45
C GLY B 125 21.24 0.29 -13.58
N ARG B 126 22.06 0.24 -14.64
CA ARG B 126 23.19 1.20 -14.77
C ARG B 126 22.70 2.63 -14.95
N GLU B 127 21.41 2.83 -15.28
CA GLU B 127 20.80 4.17 -15.48
C GLU B 127 20.03 4.57 -14.21
N ILE B 128 20.11 3.82 -13.12
CA ILE B 128 19.31 4.11 -11.89
C ILE B 128 20.26 4.51 -10.77
N PRO B 129 20.28 5.77 -10.36
CA PRO B 129 21.15 6.17 -9.25
C PRO B 129 20.77 5.45 -7.94
N SER B 130 21.74 4.84 -7.26
CA SER B 130 21.47 4.13 -5.99
C SER B 130 20.81 5.06 -4.97
N ASP B 131 21.28 6.29 -4.89
CA ASP B 131 20.81 7.26 -3.87
C ASP B 131 19.59 8.07 -4.32
N ALA B 132 19.02 7.78 -5.50
CA ALA B 132 17.92 8.59 -6.04
C ALA B 132 17.36 7.90 -7.26
N PRO B 133 16.74 6.71 -7.10
CA PRO B 133 16.22 6.00 -8.26
C PRO B 133 15.18 6.83 -9.06
N TRP B 134 14.49 7.77 -8.42
CA TRP B 134 13.49 8.66 -9.07
C TRP B 134 14.18 9.60 -10.04
N LYS B 135 15.52 9.65 -10.05
CA LYS B 135 16.29 10.46 -11.01
C LYS B 135 16.73 9.62 -12.22
N ALA B 136 16.36 8.35 -12.32
CA ALA B 136 16.61 7.56 -13.54
C ALA B 136 16.00 8.31 -14.72
N PRO B 137 16.67 8.31 -15.88
CA PRO B 137 16.14 9.03 -17.04
C PRO B 137 14.73 8.54 -17.43
N LEU B 138 14.44 7.24 -17.31
CA LEU B 138 13.10 6.70 -17.60
C LEU B 138 12.33 6.39 -16.31
N ALA B 139 12.56 7.16 -15.26
CA ALA B 139 12.00 6.79 -13.94
C ALA B 139 10.48 6.64 -14.03
N GLU B 140 9.77 7.58 -14.66
CA GLU B 140 8.29 7.51 -14.68
C GLU B 140 7.86 6.29 -15.49
N GLU B 141 8.40 6.15 -16.69
CA GLU B 141 8.02 5.00 -17.53
C GLU B 141 8.18 3.68 -16.77
N TRP B 142 9.34 3.47 -16.17
CA TRP B 142 9.64 2.22 -15.45
C TRP B 142 8.85 2.09 -14.14
N ASP B 143 8.52 3.20 -13.46
CA ASP B 143 7.78 3.17 -12.20
C ASP B 143 6.30 2.86 -12.44
N ASN B 144 5.81 3.13 -13.66
CA ASN B 144 4.37 3.03 -14.01
C ASN B 144 4.04 1.66 -14.56
N MET B 145 5.01 0.75 -14.59
CA MET B 145 4.81 -0.63 -15.05
C MET B 145 5.16 -1.52 -13.85
N THR B 146 4.50 -2.65 -13.73
CA THR B 146 4.90 -3.71 -12.79
C THR B 146 6.01 -4.55 -13.39
N MET B 147 6.68 -5.34 -12.55
CA MET B 147 7.68 -6.30 -13.06
C MET B 147 7.01 -7.35 -13.96
N LYS B 148 5.73 -7.62 -13.74
CA LYS B 148 5.01 -8.58 -14.59
C LYS B 148 4.96 -8.04 -16.02
N GLU B 149 4.59 -6.77 -16.14
CA GLU B 149 4.53 -6.13 -17.48
C GLU B 149 5.92 -6.07 -18.12
N LEU B 150 6.97 -5.77 -17.36
CA LEU B 150 8.33 -5.74 -17.96
C LEU B 150 8.72 -7.15 -18.43
N LEU B 151 8.44 -8.17 -17.65
CA LEU B 151 8.79 -9.57 -18.03
C LEU B 151 7.96 -9.99 -19.23
N ASP B 152 6.71 -9.54 -19.32
CA ASP B 152 5.88 -9.83 -20.52
C ASP B 152 6.57 -9.26 -21.75
N LYS B 153 7.08 -8.05 -21.70
CA LYS B 153 7.77 -7.36 -22.81
C LYS B 153 9.09 -8.10 -23.11
N LEU B 154 9.87 -8.41 -22.09
CA LEU B 154 11.29 -8.79 -22.31
C LEU B 154 11.42 -10.27 -22.70
N CYS B 155 10.62 -11.14 -22.12
CA CYS B 155 10.80 -12.61 -22.16
C CYS B 155 10.02 -13.20 -23.33
N TRP B 156 10.73 -13.65 -24.37
CA TRP B 156 10.07 -14.32 -25.52
C TRP B 156 9.77 -15.78 -25.24
N THR B 157 10.34 -16.38 -24.18
CA THR B 157 10.11 -17.78 -23.80
C THR B 157 9.42 -17.80 -22.44
N GLU B 158 8.56 -18.79 -22.25
CA GLU B 158 7.92 -19.10 -20.93
C GLU B 158 9.00 -19.53 -19.94
N SER B 159 10.01 -20.27 -20.39
CA SER B 159 11.15 -20.72 -19.55
C SER B 159 11.78 -19.48 -18.87
N ALA B 160 12.15 -18.47 -19.64
CA ALA B 160 12.78 -17.25 -19.09
C ALA B 160 11.79 -16.50 -18.20
N LYS B 161 10.53 -16.40 -18.63
CA LYS B 161 9.53 -15.62 -17.87
C LYS B 161 9.31 -16.29 -16.51
N GLN B 162 9.27 -17.59 -16.44
CA GLN B 162 9.00 -18.29 -15.17
C GLN B 162 10.24 -18.22 -14.26
N LEU B 163 11.45 -18.34 -14.81
CA LEU B 163 12.66 -18.21 -13.95
C LEU B 163 12.83 -16.77 -13.47
N ALA B 164 12.55 -15.78 -14.32
CA ALA B 164 12.54 -14.36 -13.91
C ALA B 164 11.51 -14.13 -12.79
N THR B 165 10.36 -14.78 -12.91
CA THR B 165 9.28 -14.68 -11.90
C THR B 165 9.82 -15.21 -10.55
N LEU B 166 10.47 -16.38 -10.56
CA LEU B 166 11.02 -16.98 -9.35
C LEU B 166 12.02 -15.97 -8.76
N PHE B 167 12.89 -15.40 -9.59
CA PHE B 167 13.91 -14.42 -9.18
C PHE B 167 13.24 -13.28 -8.41
N VAL B 168 12.18 -12.73 -8.98
CA VAL B 168 11.48 -11.59 -8.31
C VAL B 168 10.91 -12.07 -6.98
N ASN B 169 10.19 -13.21 -7.02
CA ASN B 169 9.51 -13.73 -5.84
C ASN B 169 10.53 -13.96 -4.71
N LEU B 170 11.69 -14.51 -5.02
CA LEU B 170 12.74 -14.85 -4.04
C LEU B 170 13.47 -13.62 -3.53
N CYS B 171 13.76 -12.64 -4.37
CA CYS B 171 14.53 -11.47 -3.94
C CYS B 171 13.68 -10.59 -3.04
N VAL B 172 12.39 -10.43 -3.36
CA VAL B 172 11.58 -9.35 -2.73
C VAL B 172 10.23 -9.87 -2.19
N THR B 173 10.11 -11.19 -2.05
CA THR B 173 8.97 -11.88 -1.39
C THR B 173 7.64 -11.25 -1.84
N ALA B 174 7.54 -10.98 -3.13
CA ALA B 174 6.33 -10.35 -3.69
C ALA B 174 6.15 -10.85 -5.12
N GLU B 175 4.91 -10.76 -5.58
CA GLU B 175 4.55 -11.16 -6.92
C GLU B 175 5.06 -10.12 -7.92
N THR B 176 5.31 -10.55 -9.16
CA THR B 176 5.80 -9.64 -10.21
C THR B 176 4.76 -8.54 -10.46
N HIS B 177 3.48 -8.85 -10.35
CA HIS B 177 2.39 -7.87 -10.61
C HIS B 177 2.21 -6.91 -9.42
N GLU B 178 2.79 -7.21 -8.26
CA GLU B 178 2.63 -6.33 -7.08
C GLU B 178 3.62 -5.19 -7.11
N VAL B 179 4.78 -5.31 -7.79
CA VAL B 179 5.93 -4.39 -7.55
C VAL B 179 6.19 -3.53 -8.80
N SER B 180 6.64 -2.31 -8.57
CA SER B 180 7.16 -1.39 -9.62
C SER B 180 8.41 -1.98 -10.28
N ALA B 181 8.51 -1.89 -11.59
CA ALA B 181 9.73 -2.29 -12.30
C ALA B 181 10.87 -1.36 -11.91
N LEU B 182 10.67 -0.05 -11.84
CA LEU B 182 11.76 0.86 -11.40
C LEU B 182 12.31 0.42 -10.05
N TRP B 183 11.41 0.18 -9.10
CA TRP B 183 11.82 -0.13 -7.70
C TRP B 183 12.61 -1.44 -7.74
N PHE B 184 12.13 -2.46 -8.45
CA PHE B 184 12.78 -3.76 -8.43
C PHE B 184 14.17 -3.64 -9.09
N LEU B 185 14.25 -2.93 -10.20
CA LEU B 185 15.53 -2.74 -10.91
C LEU B 185 16.52 -1.96 -10.04
N TRP B 186 16.02 -0.98 -9.30
CA TRP B 186 16.87 -0.26 -8.31
C TRP B 186 17.35 -1.29 -7.28
N TYR B 187 16.42 -2.06 -6.75
CA TYR B 187 16.72 -3.00 -5.65
C TYR B 187 17.89 -3.90 -6.02
N VAL B 188 17.85 -4.45 -7.23
CA VAL B 188 18.91 -5.37 -7.71
C VAL B 188 20.20 -4.58 -7.90
N LYS B 189 20.12 -3.42 -8.54
CA LYS B 189 21.34 -2.65 -8.86
C LYS B 189 22.04 -2.21 -7.56
N GLN B 190 21.28 -1.85 -6.52
CA GLN B 190 21.87 -1.33 -5.25
C GLN B 190 22.45 -2.48 -4.41
N CYS B 191 22.23 -3.73 -4.79
CA CYS B 191 22.94 -4.91 -4.21
C CYS B 191 24.15 -5.27 -5.06
N GLY B 192 24.41 -4.56 -6.14
CA GLY B 192 25.59 -4.85 -6.99
C GLY B 192 25.25 -5.63 -8.27
N GLY B 193 23.96 -5.81 -8.56
CA GLY B 193 23.50 -6.45 -9.78
C GLY B 193 23.07 -7.90 -9.61
N THR B 194 22.77 -8.52 -10.74
CA THR B 194 22.08 -9.82 -10.76
C THR B 194 23.02 -10.88 -10.18
N THR B 195 24.24 -10.94 -10.68
CA THR B 195 25.18 -11.97 -10.21
C THR B 195 25.35 -11.86 -8.71
N ARG B 196 25.63 -10.66 -8.22
CA ARG B 196 25.93 -10.49 -6.81
C ARG B 196 24.72 -10.89 -5.95
N ILE B 197 23.52 -10.50 -6.37
CA ILE B 197 22.35 -10.72 -5.49
C ILE B 197 21.95 -12.21 -5.50
N ILE B 198 22.17 -12.95 -6.60
CA ILE B 198 21.69 -14.36 -6.65
C ILE B 198 22.75 -15.36 -6.17
N SER B 199 23.96 -14.90 -5.99
CA SER B 199 25.09 -15.83 -5.78
C SER B 199 25.20 -16.20 -4.28
N THR B 200 25.58 -17.45 -4.02
CA THR B 200 26.02 -17.90 -2.68
C THR B 200 27.53 -17.61 -2.66
N THR B 201 28.33 -18.42 -3.34
CA THR B 201 29.77 -18.09 -3.46
C THR B 201 29.90 -16.74 -4.14
N ASN B 202 30.59 -15.78 -3.50
CA ASN B 202 30.88 -14.44 -4.03
C ASN B 202 29.60 -13.61 -4.14
N GLY B 203 28.57 -13.90 -3.34
CA GLY B 203 27.38 -13.04 -3.35
C GLY B 203 26.70 -12.93 -2.01
N GLY B 204 25.48 -12.47 -2.04
CA GLY B 204 24.73 -12.16 -0.82
C GLY B 204 24.54 -13.33 0.11
N GLN B 205 24.51 -14.55 -0.43
CA GLN B 205 24.20 -15.73 0.43
C GLN B 205 25.49 -16.48 0.77
N GLU B 206 26.65 -15.83 0.79
CA GLU B 206 27.93 -16.58 0.97
C GLU B 206 28.04 -17.14 2.38
N ARG B 207 27.63 -16.38 3.40
CA ARG B 207 28.02 -16.70 4.77
C ARG B 207 26.85 -16.56 5.73
N LYS B 208 27.00 -17.17 6.92
CA LYS B 208 26.10 -16.96 8.07
C LYS B 208 26.98 -16.63 9.28
N PHE B 209 26.40 -16.05 10.29
CA PHE B 209 27.11 -15.82 11.57
C PHE B 209 27.10 -17.09 12.41
N VAL B 210 28.28 -17.45 12.89
CA VAL B 210 28.39 -18.49 13.95
C VAL B 210 27.57 -18.05 15.16
N GLY B 211 26.59 -18.84 15.57
CA GLY B 211 25.67 -18.58 16.69
C GLY B 211 24.47 -17.73 16.35
N GLY B 212 24.34 -17.26 15.09
CA GLY B 212 23.13 -16.60 14.65
C GLY B 212 23.27 -15.09 14.54
N SER B 213 22.50 -14.47 13.66
CA SER B 213 22.61 -13.02 13.39
C SER B 213 21.97 -12.22 14.52
N GLY B 214 21.07 -12.82 15.29
CA GLY B 214 20.44 -12.19 16.47
C GLY B 214 21.48 -11.62 17.41
N GLN B 215 22.66 -12.22 17.43
CA GLN B 215 23.73 -11.79 18.33
C GLN B 215 24.17 -10.36 18.01
N VAL B 216 23.98 -9.87 16.79
CA VAL B 216 24.36 -8.46 16.52
C VAL B 216 23.55 -7.53 17.44
N SER B 217 22.22 -7.66 17.41
CA SER B 217 21.34 -6.76 18.18
C SER B 217 21.49 -7.09 19.67
N GLU B 218 21.67 -8.37 19.99
CA GLU B 218 21.74 -8.79 21.42
C GLU B 218 23.03 -8.23 22.03
N ARG B 219 24.13 -8.25 21.31
CA ARG B 219 25.41 -7.80 21.90
C ARG B 219 25.46 -6.27 21.97
N ILE B 220 24.77 -5.54 21.09
CA ILE B 220 24.65 -4.08 21.30
C ILE B 220 23.75 -3.83 22.50
N MET B 221 22.65 -4.53 22.65
CA MET B 221 21.86 -4.40 23.89
C MET B 221 22.73 -4.67 25.13
N ASP B 222 23.61 -5.65 25.05
CA ASP B 222 24.52 -5.99 26.19
C ASP B 222 25.35 -4.73 26.50
N LEU B 223 25.91 -4.09 25.47
CA LEU B 223 26.74 -2.90 25.71
C LEU B 223 25.87 -1.82 26.34
N LEU B 224 24.65 -1.60 25.83
CA LEU B 224 23.91 -0.39 26.24
C LEU B 224 23.26 -0.56 27.63
N GLY B 225 23.07 -1.81 28.09
CA GLY B 225 22.37 -2.15 29.34
C GLY B 225 20.97 -1.65 29.43
N ASP B 226 20.68 -0.91 30.50
CA ASP B 226 19.29 -0.49 30.76
C ASP B 226 18.92 0.74 29.93
N ARG B 227 19.76 1.20 29.00
CA ARG B 227 19.34 2.19 27.96
C ARG B 227 18.34 1.59 26.97
N VAL B 228 18.29 0.26 26.87
CA VAL B 228 17.33 -0.46 26.02
C VAL B 228 16.12 -0.78 26.87
N LYS B 229 14.97 -0.29 26.42
CA LYS B 229 13.68 -0.47 27.10
C LYS B 229 12.85 -1.42 26.24
N LEU B 230 12.71 -2.67 26.68
CA LEU B 230 11.88 -3.70 25.98
C LEU B 230 10.42 -3.51 26.33
N GLU B 231 9.50 -3.91 25.43
CA GLU B 231 8.03 -3.78 25.65
C GLU B 231 7.68 -2.30 25.90
N ARG B 232 8.29 -1.44 25.10
CA ARG B 232 7.99 -0.01 24.98
C ARG B 232 7.60 0.32 23.55
N PRO B 233 6.40 -0.08 23.07
CA PRO B 233 5.94 0.39 21.78
C PRO B 233 5.69 1.89 21.87
N VAL B 234 6.29 2.64 20.96
CA VAL B 234 6.05 4.09 20.81
C VAL B 234 4.68 4.31 20.17
N ILE B 235 3.85 5.16 20.79
CA ILE B 235 2.45 5.50 20.34
C ILE B 235 2.34 6.97 19.93
N TYR B 236 3.24 7.83 20.37
CA TYR B 236 3.05 9.30 20.24
C TYR B 236 4.38 10.03 20.28
N ILE B 237 4.56 10.90 19.29
CA ILE B 237 5.73 11.80 19.23
C ILE B 237 5.22 13.23 19.10
N ASP B 238 5.69 14.10 20.00
CA ASP B 238 5.27 15.52 20.05
C ASP B 238 6.51 16.38 19.85
N GLN B 239 6.50 17.19 18.81
CA GLN B 239 7.63 18.06 18.44
C GLN B 239 7.23 19.55 18.59
N THR B 240 6.18 19.83 19.32
CA THR B 240 5.69 21.23 19.43
C THR B 240 6.51 22.00 20.46
N ARG B 241 7.28 21.36 21.35
CA ARG B 241 7.99 22.06 22.48
C ARG B 241 9.50 22.02 22.27
N GLU B 242 10.23 22.58 23.23
CA GLU B 242 11.71 22.77 23.21
C GLU B 242 12.40 21.41 22.98
N ASN B 243 12.02 20.41 23.78
CA ASN B 243 12.51 19.00 23.63
C ASN B 243 11.41 18.15 23.00
N VAL B 244 11.80 17.12 22.25
CA VAL B 244 10.86 16.13 21.65
C VAL B 244 10.35 15.24 22.77
N LEU B 245 9.04 14.95 22.79
CA LEU B 245 8.42 14.07 23.79
C LEU B 245 8.05 12.78 23.06
N VAL B 246 8.49 11.65 23.60
CA VAL B 246 8.15 10.31 23.03
C VAL B 246 7.40 9.50 24.07
N GLU B 247 6.16 9.14 23.75
CA GLU B 247 5.33 8.37 24.68
C GLU B 247 5.21 6.91 24.21
N THR B 248 5.23 5.99 25.15
CA THR B 248 5.06 4.53 24.95
C THR B 248 3.69 4.07 25.42
N LEU B 249 3.30 2.89 24.94
CA LEU B 249 1.99 2.27 25.20
C LEU B 249 1.84 1.95 26.69
N ASN B 250 2.96 1.61 27.35
CA ASN B 250 2.98 1.29 28.81
C ASN B 250 3.15 2.56 29.64
N HIS B 251 2.78 3.73 29.11
CA HIS B 251 2.53 4.96 29.90
C HIS B 251 3.84 5.57 30.43
N GLU B 252 4.89 5.57 29.63
CA GLU B 252 6.16 6.23 29.95
C GLU B 252 6.37 7.35 28.95
N MET B 253 7.06 8.39 29.40
CA MET B 253 7.36 9.58 28.59
C MET B 253 8.87 9.76 28.57
N TYR B 254 9.43 9.93 27.37
CA TYR B 254 10.87 10.15 27.15
C TYR B 254 10.99 11.54 26.55
N GLU B 255 12.00 12.27 26.97
CA GLU B 255 12.30 13.61 26.42
C GLU B 255 13.71 13.58 25.84
N ALA B 256 13.89 14.07 24.62
CA ALA B 256 15.19 14.06 23.94
C ALA B 256 15.33 15.30 23.07
N LYS B 257 16.55 15.54 22.61
CA LYS B 257 16.85 16.60 21.66
C LYS B 257 16.45 16.14 20.24
N TYR B 258 16.65 14.85 19.95
CA TYR B 258 16.37 14.31 18.59
C TYR B 258 15.82 12.90 18.73
N VAL B 259 15.18 12.45 17.64
CA VAL B 259 14.64 11.08 17.55
C VAL B 259 15.17 10.42 16.26
N ILE B 260 15.54 9.15 16.37
CA ILE B 260 15.75 8.29 15.17
C ILE B 260 14.60 7.30 15.08
N SER B 261 13.89 7.32 13.95
CA SER B 261 12.87 6.32 13.60
C SER B 261 13.56 5.15 12.89
N ALA B 262 13.77 4.02 13.56
CA ALA B 262 14.49 2.88 12.99
C ALA B 262 13.51 1.73 12.77
N ILE B 263 12.28 2.03 12.33
CA ILE B 263 11.23 1.01 12.09
C ILE B 263 10.90 1.02 10.60
N PRO B 264 10.33 -0.10 10.07
CA PRO B 264 9.86 -0.13 8.69
C PRO B 264 9.00 1.09 8.45
N PRO B 265 9.13 1.73 7.28
CA PRO B 265 8.40 2.96 6.99
C PRO B 265 6.91 2.89 7.34
N THR B 266 6.21 1.86 6.90
CA THR B 266 4.75 1.77 7.12
C THR B 266 4.44 1.66 8.62
N LEU B 267 5.33 1.13 9.46
CA LEU B 267 5.02 1.05 10.89
C LEU B 267 5.09 2.42 11.57
N GLY B 268 5.52 3.49 10.88
CA GLY B 268 5.29 4.87 11.33
C GLY B 268 3.81 5.12 11.56
N MET B 269 2.94 4.36 10.90
CA MET B 269 1.48 4.59 11.06
C MET B 269 1.00 4.28 12.49
N LYS B 270 1.75 3.48 13.24
CA LYS B 270 1.41 3.08 14.63
C LYS B 270 1.73 4.20 15.62
N ILE B 271 2.27 5.30 15.15
CA ILE B 271 2.61 6.48 15.98
C ILE B 271 1.65 7.61 15.59
N HIS B 272 1.12 8.30 16.59
CA HIS B 272 0.31 9.52 16.44
C HIS B 272 1.26 10.71 16.57
N PHE B 273 1.27 11.60 15.59
CA PHE B 273 2.25 12.71 15.50
C PHE B 273 1.58 14.03 15.85
N ASN B 274 2.28 14.80 16.65
CA ASN B 274 1.93 16.22 16.90
C ASN B 274 3.18 17.06 16.69
N PRO B 275 3.20 18.02 15.74
CA PRO B 275 2.09 18.27 14.83
C PRO B 275 1.99 17.09 13.85
N PRO B 276 0.90 17.04 13.06
CA PRO B 276 0.75 15.98 12.05
C PRO B 276 1.97 15.97 11.12
N LEU B 277 2.29 14.79 10.59
CA LEU B 277 3.35 14.69 9.56
C LEU B 277 3.02 15.56 8.37
N PRO B 278 4.06 15.99 7.65
CA PRO B 278 3.86 16.64 6.36
C PRO B 278 3.08 15.72 5.41
N MET B 279 2.29 16.30 4.51
CA MET B 279 1.38 15.57 3.58
C MET B 279 2.11 14.40 2.92
N MET B 280 3.30 14.60 2.40
CA MET B 280 3.87 13.52 1.56
C MET B 280 4.26 12.31 2.41
N ARG B 281 4.79 12.54 3.61
CA ARG B 281 5.08 11.39 4.51
C ARG B 281 3.78 10.79 5.03
N ASN B 282 2.79 11.61 5.35
CA ASN B 282 1.49 11.10 5.82
C ASN B 282 0.96 10.05 4.84
N GLN B 283 0.96 10.35 3.54
CA GLN B 283 0.48 9.36 2.53
C GLN B 283 1.53 8.27 2.25
N MET B 284 2.81 8.56 2.23
CA MET B 284 3.86 7.59 1.85
C MET B 284 3.77 6.35 2.74
N ILE B 285 3.55 6.55 4.06
CA ILE B 285 3.60 5.45 5.05
C ILE B 285 2.34 4.54 4.96
N THR B 286 1.40 4.85 4.07
CA THR B 286 0.24 4.01 3.72
C THR B 286 0.48 3.25 2.42
N ARG B 287 1.61 3.49 1.72
CA ARG B 287 1.78 3.04 0.34
C ARG B 287 2.91 2.02 0.19
N VAL B 288 3.49 1.53 1.29
CA VAL B 288 4.80 0.84 1.29
C VAL B 288 4.69 -0.42 2.14
N PRO B 289 4.06 -1.47 1.61
CA PRO B 289 3.93 -2.72 2.34
C PRO B 289 5.23 -3.51 2.36
N LEU B 290 5.27 -4.46 3.28
CA LEU B 290 6.35 -5.48 3.30
C LEU B 290 5.86 -6.78 2.65
N GLY B 291 6.83 -7.56 2.15
CA GLY B 291 6.54 -8.84 1.51
C GLY B 291 6.12 -9.93 2.49
N SER B 292 5.90 -11.10 1.93
CA SER B 292 5.29 -12.23 2.65
C SER B 292 6.19 -13.44 2.50
N VAL B 293 6.56 -14.05 3.62
CA VAL B 293 7.42 -15.23 3.59
C VAL B 293 7.24 -16.04 4.88
N ILE B 294 7.36 -17.36 4.71
CA ILE B 294 7.55 -18.30 5.81
C ILE B 294 8.94 -18.85 5.63
N LYS B 295 9.78 -18.73 6.63
CA LYS B 295 11.10 -19.37 6.60
C LYS B 295 11.01 -20.68 7.37
N CYS B 296 11.42 -21.77 6.71
CA CYS B 296 11.15 -23.15 7.17
C CYS B 296 12.51 -23.85 7.22
N ILE B 297 12.80 -24.53 8.31
CA ILE B 297 14.08 -25.27 8.42
C ILE B 297 13.74 -26.72 8.85
N VAL B 298 14.03 -27.67 7.95
CA VAL B 298 13.82 -29.12 8.20
C VAL B 298 15.17 -29.72 8.54
N TYR B 299 15.21 -30.43 9.68
CA TYR B 299 16.42 -31.03 10.26
C TYR B 299 16.43 -32.54 9.95
N TYR B 300 17.63 -33.03 9.70
CA TYR B 300 17.89 -34.46 9.41
C TYR B 300 19.08 -34.96 10.21
N LYS B 301 19.18 -36.28 10.29
CA LYS B 301 20.30 -36.93 11.00
C LYS B 301 21.63 -36.57 10.34
N GLU B 302 21.71 -36.54 9.00
CA GLU B 302 22.95 -36.24 8.25
C GLU B 302 22.60 -35.34 7.07
N PRO B 303 23.60 -34.63 6.53
CA PRO B 303 23.41 -33.86 5.30
C PRO B 303 23.49 -34.79 4.09
N PHE B 304 22.49 -35.66 3.99
CA PHE B 304 22.54 -36.85 3.11
C PHE B 304 22.64 -36.46 1.65
N TRP B 305 22.16 -35.28 1.27
CA TRP B 305 22.25 -34.76 -0.09
C TRP B 305 23.72 -34.69 -0.57
N ARG B 306 24.65 -34.42 0.31
CA ARG B 306 26.07 -34.32 -0.04
C ARG B 306 26.58 -35.65 -0.63
N LYS B 307 26.02 -36.77 -0.20
CA LYS B 307 26.44 -38.12 -0.69
C LYS B 307 26.11 -38.28 -2.16
N LYS B 308 25.11 -37.56 -2.69
CA LYS B 308 24.71 -37.59 -4.10
C LYS B 308 25.35 -36.45 -4.87
N ASP B 309 26.35 -35.76 -4.27
CA ASP B 309 27.03 -34.62 -4.87
C ASP B 309 26.00 -33.51 -5.15
N TYR B 310 25.12 -33.30 -4.19
CA TYR B 310 24.22 -32.10 -4.19
C TYR B 310 24.63 -31.25 -2.98
N CYS B 311 24.67 -29.93 -3.12
CA CYS B 311 25.06 -29.03 -1.99
C CYS B 311 23.86 -28.72 -1.10
N GLY B 312 22.63 -28.91 -1.57
CA GLY B 312 21.42 -28.60 -0.81
C GLY B 312 20.69 -27.38 -1.36
N THR B 313 21.29 -26.69 -2.30
CA THR B 313 20.60 -25.61 -3.05
C THR B 313 19.63 -26.26 -4.01
N MET B 314 18.40 -25.85 -3.95
CA MET B 314 17.35 -26.26 -4.90
C MET B 314 16.65 -25.00 -5.41
N ILE B 315 16.48 -24.94 -6.74
CA ILE B 315 15.68 -23.88 -7.39
C ILE B 315 14.54 -24.63 -8.04
N ILE B 316 13.33 -24.42 -7.53
CA ILE B 316 12.19 -25.33 -7.84
C ILE B 316 11.12 -24.52 -8.55
N ASP B 317 10.92 -24.82 -9.84
CA ASP B 317 9.97 -24.07 -10.68
C ASP B 317 8.54 -24.48 -10.32
N GLY B 318 7.60 -23.59 -10.60
CA GLY B 318 6.19 -23.99 -10.77
C GLY B 318 5.31 -23.68 -9.57
N GLU B 319 4.00 -23.69 -9.81
CA GLU B 319 3.01 -23.29 -8.78
C GLU B 319 2.89 -24.35 -7.67
N GLU B 320 2.98 -25.63 -7.98
CA GLU B 320 2.65 -26.72 -7.02
C GLU B 320 3.67 -26.74 -5.87
N ALA B 321 4.94 -26.47 -6.12
CA ALA B 321 5.99 -26.55 -5.08
C ALA B 321 5.72 -25.52 -4.01
N PRO B 322 5.67 -25.87 -2.72
CA PRO B 322 5.48 -24.84 -1.69
C PRO B 322 6.68 -23.93 -1.55
N VAL B 323 7.87 -24.46 -1.81
CA VAL B 323 9.19 -23.81 -1.62
C VAL B 323 9.86 -23.74 -2.98
N ALA B 324 10.24 -22.54 -3.41
CA ALA B 324 10.90 -22.33 -4.70
C ALA B 324 12.41 -22.36 -4.56
N TYR B 325 12.91 -22.22 -3.32
CA TYR B 325 14.36 -22.07 -3.13
C TYR B 325 14.76 -22.58 -1.77
N THR B 326 15.87 -23.30 -1.75
CA THR B 326 16.48 -23.87 -0.52
C THR B 326 17.97 -23.63 -0.51
N LEU B 327 18.53 -23.65 0.70
CA LEU B 327 19.99 -23.69 0.94
C LEU B 327 20.25 -24.70 2.06
N ASP B 328 21.43 -25.27 2.02
CA ASP B 328 21.88 -26.15 3.12
C ASP B 328 22.06 -25.26 4.36
N ASP B 329 21.39 -25.61 5.45
CA ASP B 329 21.49 -24.89 6.75
C ASP B 329 22.30 -25.67 7.78
N THR B 330 23.06 -26.67 7.36
CA THR B 330 23.91 -27.48 8.27
C THR B 330 24.97 -26.56 8.92
N LYS B 331 25.31 -26.86 10.15
CA LYS B 331 26.32 -26.11 10.95
C LYS B 331 27.68 -26.45 10.36
N PRO B 332 28.65 -25.58 10.64
CA PRO B 332 29.96 -25.69 10.02
C PRO B 332 30.64 -27.04 10.32
N GLU B 333 30.24 -27.76 11.38
CA GLU B 333 30.92 -29.01 11.80
C GLU B 333 30.27 -30.18 11.05
N GLY B 334 29.21 -29.94 10.28
CA GLY B 334 28.55 -31.04 9.54
C GLY B 334 27.45 -31.58 10.41
N ASN B 335 27.16 -30.95 11.57
CA ASN B 335 26.08 -31.46 12.42
C ASN B 335 24.92 -30.49 12.36
N TYR B 336 23.85 -30.90 13.00
CA TYR B 336 22.52 -30.25 12.93
C TYR B 336 22.17 -30.13 11.45
N ALA B 337 22.32 -31.24 10.69
CA ALA B 337 22.04 -31.18 9.24
C ALA B 337 20.63 -30.64 9.01
N ALA B 338 20.50 -29.78 8.01
CA ALA B 338 19.21 -29.11 7.76
C ALA B 338 19.14 -28.49 6.38
N ILE B 339 17.92 -28.40 5.87
CA ILE B 339 17.57 -27.59 4.65
C ILE B 339 16.72 -26.40 5.05
N MET B 340 17.14 -25.22 4.62
CA MET B 340 16.37 -23.97 4.79
C MET B 340 15.57 -23.73 3.50
N GLY B 341 14.27 -23.55 3.61
CA GLY B 341 13.49 -23.17 2.44
C GLY B 341 12.58 -21.99 2.71
N PHE B 342 12.30 -21.21 1.69
CA PHE B 342 11.33 -20.10 1.78
C PHE B 342 10.03 -20.45 1.05
N ILE B 343 8.92 -20.21 1.73
CA ILE B 343 7.57 -20.25 1.14
C ILE B 343 7.24 -18.77 0.84
N LEU B 344 7.17 -18.44 -0.44
CA LEU B 344 7.26 -17.03 -0.91
C LEU B 344 5.91 -16.44 -1.31
N ALA B 345 5.71 -15.16 -0.98
CA ALA B 345 4.68 -14.30 -1.62
C ALA B 345 3.31 -14.99 -1.50
N HIS B 346 2.53 -15.22 -2.57
CA HIS B 346 1.16 -15.75 -2.42
C HIS B 346 1.16 -17.14 -1.76
N LYS B 347 2.25 -17.90 -1.85
CA LYS B 347 2.26 -19.24 -1.22
C LYS B 347 2.31 -19.08 0.29
N ALA B 348 2.93 -18.03 0.80
CA ALA B 348 3.00 -17.79 2.26
C ALA B 348 1.56 -17.59 2.71
N ARG B 349 0.74 -16.88 1.92
CA ARG B 349 -0.65 -16.56 2.31
C ARG B 349 -1.49 -17.83 2.18
N LYS B 350 -1.31 -18.58 1.10
CA LYS B 350 -2.09 -19.81 0.83
C LYS B 350 -1.79 -20.89 1.86
N LEU B 351 -0.53 -21.12 2.22
CA LEU B 351 -0.15 -22.28 3.03
C LEU B 351 -0.17 -21.96 4.52
N ALA B 352 -0.39 -20.71 4.89
CA ALA B 352 -0.50 -20.27 6.31
C ALA B 352 -1.67 -20.97 6.99
N ARG B 353 -2.70 -21.35 6.26
CA ARG B 353 -3.93 -21.98 6.84
C ARG B 353 -3.62 -23.37 7.40
N LEU B 354 -2.62 -24.05 6.81
CA LEU B 354 -2.18 -25.41 7.22
C LEU B 354 -1.62 -25.40 8.64
N THR B 355 -1.51 -26.59 9.23
CA THR B 355 -0.77 -26.78 10.48
C THR B 355 0.72 -26.87 10.16
N LYS B 356 1.52 -26.64 11.18
CA LYS B 356 2.98 -26.81 11.14
C LYS B 356 3.33 -28.23 10.67
N GLU B 357 2.62 -29.25 11.16
CA GLU B 357 2.88 -30.66 10.74
C GLU B 357 2.52 -30.86 9.25
N GLU B 358 1.45 -30.23 8.75
CA GLU B 358 1.04 -30.33 7.34
C GLU B 358 2.08 -29.63 6.44
N ARG B 359 2.59 -28.48 6.84
CA ARG B 359 3.69 -27.84 6.08
C ARG B 359 4.89 -28.78 6.10
N LEU B 360 5.27 -29.35 7.24
CA LEU B 360 6.46 -30.23 7.30
C LEU B 360 6.32 -31.37 6.29
N LYS B 361 5.14 -32.02 6.25
CA LYS B 361 4.93 -33.16 5.32
C LYS B 361 5.09 -32.69 3.87
N LYS B 362 4.51 -31.54 3.48
CA LYS B 362 4.59 -31.00 2.11
C LYS B 362 6.06 -30.74 1.78
N LEU B 363 6.82 -30.13 2.70
CA LEU B 363 8.23 -29.82 2.43
C LEU B 363 9.03 -31.09 2.28
N CYS B 364 8.84 -32.04 3.19
CA CYS B 364 9.62 -33.29 3.10
C CYS B 364 9.34 -34.05 1.80
N GLU B 365 8.10 -34.14 1.39
CA GLU B 365 7.74 -34.81 0.11
C GLU B 365 8.31 -34.06 -1.08
N LEU B 366 8.29 -32.74 -1.08
CA LEU B 366 8.94 -31.95 -2.15
C LEU B 366 10.44 -32.26 -2.18
N TYR B 367 11.11 -32.19 -1.02
CA TYR B 367 12.56 -32.39 -0.97
C TYR B 367 12.93 -33.82 -1.39
N ALA B 368 12.09 -34.80 -1.08
CA ALA B 368 12.35 -36.21 -1.47
C ALA B 368 12.36 -36.27 -2.99
N LYS B 369 11.42 -35.55 -3.61
CA LYS B 369 11.32 -35.60 -5.07
C LYS B 369 12.54 -34.94 -5.67
N VAL B 370 12.84 -33.73 -5.19
CA VAL B 370 13.89 -32.90 -5.82
C VAL B 370 15.28 -33.52 -5.58
N LEU B 371 15.57 -33.96 -4.36
CA LEU B 371 16.88 -34.56 -4.02
C LEU B 371 16.91 -36.04 -4.46
N GLY B 372 15.77 -36.58 -4.86
CA GLY B 372 15.63 -38.00 -5.24
C GLY B 372 16.12 -38.91 -4.13
N SER B 373 15.66 -38.67 -2.93
CA SER B 373 16.07 -39.40 -1.72
C SER B 373 14.89 -39.62 -0.80
N LEU B 374 14.69 -40.86 -0.37
CA LEU B 374 13.72 -41.19 0.68
C LEU B 374 14.16 -40.64 2.04
N GLU B 375 15.44 -40.33 2.19
CA GLU B 375 15.95 -39.78 3.47
C GLU B 375 15.22 -38.49 3.81
N ALA B 376 14.77 -37.72 2.82
CA ALA B 376 14.08 -36.43 3.03
C ALA B 376 12.76 -36.65 3.75
N LEU B 377 12.25 -37.89 3.77
CA LEU B 377 10.97 -38.20 4.41
C LEU B 377 11.13 -38.46 5.91
N GLU B 378 12.34 -38.41 6.44
CA GLU B 378 12.62 -38.78 7.86
C GLU B 378 13.21 -37.61 8.60
N PRO B 379 12.46 -36.48 8.74
CA PRO B 379 13.00 -35.34 9.46
C PRO B 379 13.14 -35.68 10.95
N VAL B 380 14.08 -35.04 11.63
CA VAL B 380 14.27 -35.24 13.10
C VAL B 380 13.75 -34.02 13.85
N HIS B 381 13.53 -32.90 13.17
CA HIS B 381 13.08 -31.66 13.81
C HIS B 381 12.62 -30.71 12.72
N TYR B 382 11.88 -29.70 13.12
CA TYR B 382 11.35 -28.64 12.20
C TYR B 382 11.21 -27.34 12.97
N GLU B 383 11.62 -26.23 12.36
CA GLU B 383 11.36 -24.87 12.91
C GLU B 383 10.85 -24.03 11.76
N GLU B 384 9.94 -23.12 12.02
CA GLU B 384 9.45 -22.23 10.97
C GLU B 384 8.99 -20.91 11.59
N LYS B 385 8.96 -19.89 10.75
CA LYS B 385 8.43 -18.59 11.17
C LYS B 385 7.74 -17.95 9.99
N ASN B 386 6.49 -17.61 10.23
CA ASN B 386 5.67 -16.80 9.28
C ASN B 386 5.74 -15.33 9.67
N TRP B 387 6.50 -14.56 8.90
CA TRP B 387 6.74 -13.14 9.22
C TRP B 387 5.53 -12.28 8.89
N CYS B 388 4.54 -12.84 8.23
CA CYS B 388 3.34 -12.08 7.85
C CYS B 388 2.55 -11.79 9.12
N GLU B 389 2.74 -12.58 10.16
CA GLU B 389 1.91 -12.42 11.36
C GLU B 389 2.44 -11.37 12.35
N GLU B 390 3.61 -10.77 12.10
CA GLU B 390 4.28 -9.89 13.07
C GLU B 390 3.74 -8.46 13.03
N GLN B 391 3.03 -8.06 14.07
CA GLN B 391 2.54 -6.67 14.24
C GLN B 391 3.69 -5.67 14.12
N TYR B 392 4.86 -5.96 14.67
CA TYR B 392 5.95 -4.96 14.70
C TYR B 392 7.02 -5.19 13.62
N SER B 393 6.75 -6.02 12.61
CA SER B 393 7.52 -6.06 11.34
C SER B 393 6.63 -5.70 10.16
N GLY B 394 5.47 -6.34 10.02
CA GLY B 394 4.59 -6.15 8.86
C GLY B 394 4.83 -7.14 7.74
N GLY B 395 5.91 -7.90 7.81
CA GLY B 395 6.30 -8.91 6.81
C GLY B 395 7.83 -9.01 6.73
N CYS B 396 8.33 -9.70 5.70
CA CYS B 396 9.80 -9.85 5.46
C CYS B 396 9.95 -10.12 3.97
N TYR B 397 11.15 -9.92 3.41
CA TYR B 397 12.31 -9.40 4.11
C TYR B 397 12.18 -7.90 4.34
N THR B 398 11.54 -7.20 3.39
CA THR B 398 11.63 -5.73 3.38
C THR B 398 10.38 -5.12 2.74
N THR B 399 10.41 -3.82 2.66
CA THR B 399 9.35 -3.01 2.04
C THR B 399 9.47 -3.05 0.52
N TYR B 400 8.36 -3.28 -0.17
CA TYR B 400 8.35 -3.18 -1.63
C TYR B 400 7.52 -1.96 -2.01
N PHE B 401 7.78 -1.45 -3.20
CA PHE B 401 7.07 -0.28 -3.75
C PHE B 401 6.18 -0.75 -4.89
N PRO B 402 4.87 -0.62 -4.76
CA PRO B 402 3.95 -0.88 -5.87
C PRO B 402 4.09 0.16 -6.97
N PRO B 403 3.51 -0.08 -8.16
CA PRO B 403 3.68 0.84 -9.28
C PRO B 403 3.24 2.27 -8.93
N GLY B 404 4.09 3.22 -9.31
CA GLY B 404 3.83 4.66 -9.19
C GLY B 404 4.33 5.27 -7.89
N ILE B 405 4.75 4.49 -6.88
CA ILE B 405 4.96 5.06 -5.53
C ILE B 405 6.36 5.62 -5.39
N LEU B 406 7.37 4.98 -5.96
CA LEU B 406 8.78 5.37 -5.72
C LEU B 406 9.04 6.74 -6.33
N THR B 407 8.49 7.02 -7.52
CA THR B 407 8.70 8.34 -8.15
C THR B 407 7.90 9.44 -7.41
N GLN B 408 6.72 9.12 -6.91
CA GLN B 408 5.85 10.12 -6.23
C GLN B 408 6.31 10.39 -4.80
N TYR B 409 6.80 9.37 -4.08
CA TYR B 409 7.01 9.46 -2.61
C TYR B 409 8.44 9.06 -2.22
N GLY B 410 9.26 8.52 -3.10
CA GLY B 410 10.57 7.99 -2.69
C GLY B 410 11.47 9.02 -2.00
N ARG B 411 11.40 10.27 -2.44
CA ARG B 411 12.27 11.34 -1.92
C ARG B 411 11.99 11.51 -0.44
N VAL B 412 10.78 11.17 0.04
CA VAL B 412 10.40 11.50 1.43
C VAL B 412 11.01 10.47 2.36
N LEU B 413 11.48 9.31 1.89
CA LEU B 413 11.80 8.24 2.89
C LEU B 413 12.85 8.69 3.90
N ARG B 414 13.91 9.34 3.47
CA ARG B 414 14.88 9.65 4.55
C ARG B 414 14.90 11.15 4.83
N GLN B 415 13.90 11.89 4.37
CA GLN B 415 13.85 13.35 4.65
C GLN B 415 13.51 13.55 6.12
N PRO B 416 14.37 14.24 6.91
CA PRO B 416 14.03 14.49 8.32
C PRO B 416 12.71 15.26 8.44
N VAL B 417 11.98 15.02 9.53
CA VAL B 417 10.74 15.74 9.94
C VAL B 417 11.06 16.45 11.24
N ASP B 418 11.49 17.70 11.10
CA ASP B 418 11.96 18.58 12.22
C ASP B 418 13.13 17.88 12.90
N ARG B 419 12.95 17.27 14.06
CA ARG B 419 14.07 16.63 14.81
C ARG B 419 13.97 15.10 14.78
N ILE B 420 13.15 14.53 13.88
CA ILE B 420 13.11 13.06 13.63
C ILE B 420 13.88 12.75 12.36
N TYR B 421 14.88 11.89 12.51
CA TYR B 421 15.72 11.39 11.41
C TYR B 421 15.34 9.92 11.18
N PHE B 422 15.56 9.40 9.99
CA PHE B 422 14.97 8.10 9.57
C PHE B 422 16.10 7.13 9.27
N ALA B 423 16.09 6.03 9.99
CA ALA B 423 17.04 4.91 9.79
C ALA B 423 16.19 3.77 9.26
N GLY B 424 16.60 2.54 9.48
CA GLY B 424 15.94 1.38 8.88
C GLY B 424 16.50 1.00 7.54
N THR B 425 16.59 -0.29 7.25
CA THR B 425 17.27 -0.78 6.05
C THR B 425 16.61 -0.18 4.79
N GLU B 426 15.32 0.15 4.84
CA GLU B 426 14.60 0.73 3.68
C GLU B 426 15.20 2.05 3.24
N THR B 427 15.92 2.74 4.11
CA THR B 427 16.54 4.04 3.80
C THR B 427 17.99 3.92 3.34
N ALA B 428 18.55 2.72 3.28
CA ALA B 428 19.92 2.55 2.79
C ALA B 428 20.03 2.72 1.27
N THR B 429 21.25 2.92 0.81
CA THR B 429 21.56 3.07 -0.63
C THR B 429 22.39 1.90 -1.18
N HIS B 430 22.87 0.99 -0.33
CA HIS B 430 23.64 -0.21 -0.72
C HIS B 430 23.11 -1.35 0.17
N TRP B 431 22.62 -2.41 -0.44
CA TRP B 431 21.95 -3.54 0.24
C TRP B 431 20.85 -3.05 1.17
N SER B 432 20.11 -2.04 0.75
CA SER B 432 18.75 -1.80 1.28
C SER B 432 17.96 -3.12 1.23
N GLY B 433 17.27 -3.42 2.31
CA GLY B 433 16.48 -4.66 2.48
C GLY B 433 17.21 -5.69 3.33
N TYR B 434 18.52 -5.51 3.51
CA TYR B 434 19.44 -6.45 4.19
C TYR B 434 19.93 -5.88 5.53
N MET B 435 20.56 -6.76 6.32
CA MET B 435 21.25 -6.36 7.56
C MET B 435 22.33 -5.31 7.23
N GLU B 436 23.05 -5.45 6.12
CA GLU B 436 24.03 -4.42 5.67
C GLU B 436 23.36 -3.04 5.55
N GLY B 437 22.21 -2.95 4.88
CA GLY B 437 21.49 -1.68 4.74
C GLY B 437 21.06 -1.15 6.08
N ALA B 438 20.65 -2.01 7.02
CA ALA B 438 20.24 -1.62 8.38
C ALA B 438 21.42 -0.84 9.02
N VAL B 439 22.63 -1.37 8.92
CA VAL B 439 23.83 -0.74 9.54
C VAL B 439 24.08 0.60 8.83
N GLU B 440 24.11 0.61 7.52
CA GLU B 440 24.36 1.84 6.76
C GLU B 440 23.40 2.93 7.23
N ALA B 441 22.11 2.63 7.29
CA ALA B 441 21.08 3.65 7.53
C ALA B 441 21.14 4.10 8.98
N GLY B 442 21.34 3.20 9.95
CA GLY B 442 21.40 3.60 11.36
C GLY B 442 22.59 4.54 11.61
N GLU B 443 23.72 4.21 11.04
CA GLU B 443 24.95 5.01 11.26
C GLU B 443 24.79 6.34 10.55
N ARG B 444 24.22 6.37 9.35
CA ARG B 444 23.99 7.64 8.64
C ARG B 444 23.02 8.51 9.42
N ALA B 445 21.90 7.97 9.93
CA ALA B 445 20.91 8.78 10.65
C ALA B 445 21.59 9.30 11.92
N ALA B 446 22.36 8.47 12.62
CA ALA B 446 23.12 8.94 13.81
C ALA B 446 24.04 10.11 13.43
N ARG B 447 24.77 10.03 12.33
CA ARG B 447 25.73 11.10 11.92
CA ARG B 447 25.71 11.10 11.91
C ARG B 447 24.97 12.34 11.44
N GLU B 448 23.73 12.21 10.91
CA GLU B 448 22.88 13.39 10.62
C GLU B 448 22.62 14.15 11.93
N ILE B 449 22.32 13.46 13.01
CA ILE B 449 22.10 14.13 14.31
C ILE B 449 23.44 14.73 14.82
N LEU B 450 24.55 14.03 14.68
CA LEU B 450 25.85 14.60 15.15
C LEU B 450 26.12 15.89 14.37
N HIS B 451 25.81 15.93 13.06
CA HIS B 451 25.94 17.15 12.23
C HIS B 451 24.96 18.22 12.73
N ALA B 452 23.72 17.87 13.00
CA ALA B 452 22.72 18.82 13.52
C ALA B 452 23.24 19.48 14.81
N MET B 453 23.97 18.73 15.63
CA MET B 453 24.52 19.17 16.92
C MET B 453 25.81 19.98 16.74
N GLY B 454 26.34 20.09 15.52
CA GLY B 454 27.61 20.79 15.22
C GLY B 454 28.83 20.01 15.65
N LYS B 455 28.71 18.70 15.88
CA LYS B 455 29.82 17.81 16.30
C LYS B 455 30.69 17.36 15.12
N ILE B 456 30.12 17.18 13.93
CA ILE B 456 30.87 16.77 12.72
C ILE B 456 30.41 17.63 11.57
N PRO B 457 31.27 17.76 10.54
CA PRO B 457 30.88 18.45 9.32
C PRO B 457 29.97 17.65 8.41
N GLU B 458 29.36 18.34 7.46
CA GLU B 458 28.36 17.75 6.53
C GLU B 458 28.96 16.57 5.75
N ASP B 459 30.23 16.68 5.36
CA ASP B 459 30.89 15.66 4.50
C ASP B 459 31.13 14.37 5.27
N GLU B 460 30.85 14.30 6.57
CA GLU B 460 31.07 13.07 7.40
C GLU B 460 29.73 12.35 7.64
N ILE B 461 28.63 12.91 7.15
CA ILE B 461 27.30 12.24 7.32
C ILE B 461 27.32 10.87 6.61
N TRP B 462 27.78 10.81 5.37
CA TRP B 462 27.90 9.58 4.56
C TRP B 462 29.35 9.19 4.61
N GLN B 463 29.65 8.00 5.08
CA GLN B 463 31.05 7.53 5.26
C GLN B 463 31.25 6.23 4.48
N SER B 464 32.33 6.11 3.70
CA SER B 464 32.67 4.86 3.03
C SER B 464 33.10 3.81 4.06
N GLU B 465 33.14 2.55 3.66
CA GLU B 465 33.52 1.43 4.55
C GLU B 465 34.67 0.68 3.91
N PRO B 466 35.78 0.48 4.60
CA PRO B 466 36.87 -0.35 4.08
C PRO B 466 36.36 -1.77 3.83
N GLU B 467 36.95 -2.42 2.84
CA GLU B 467 36.61 -3.82 2.50
C GLU B 467 37.02 -4.76 3.65
N SER B 468 36.14 -5.70 3.97
CA SER B 468 36.43 -6.75 4.98
C SER B 468 37.68 -7.52 4.56
N VAL B 469 38.58 -7.80 5.50
CA VAL B 469 39.77 -8.67 5.22
C VAL B 469 39.33 -10.13 5.20
N ASP B 470 38.29 -10.48 5.91
CA ASP B 470 37.81 -11.87 6.14
C ASP B 470 36.91 -12.32 4.98
N VAL B 471 36.20 -11.37 4.38
CA VAL B 471 35.19 -11.68 3.31
C VAL B 471 35.43 -10.75 2.14
N PRO B 472 36.58 -10.84 1.47
CA PRO B 472 36.86 -9.98 0.34
C PRO B 472 35.94 -10.30 -0.83
N ALA B 473 35.67 -9.30 -1.63
CA ALA B 473 34.82 -9.46 -2.82
C ALA B 473 35.72 -9.81 -3.99
N GLN B 474 35.31 -10.76 -4.81
CA GLN B 474 35.92 -11.02 -6.14
C GLN B 474 35.06 -10.30 -7.18
N PRO B 475 35.70 -9.84 -8.26
CA PRO B 475 34.99 -9.16 -9.34
C PRO B 475 33.88 -10.02 -9.95
N ILE B 476 32.81 -9.36 -10.40
CA ILE B 476 31.76 -10.02 -11.22
C ILE B 476 32.27 -9.94 -12.66
N THR B 477 32.26 -11.04 -13.35
CA THR B 477 32.75 -11.05 -14.74
C THR B 477 31.62 -11.51 -15.63
N THR B 478 31.72 -11.15 -16.91
CA THR B 478 30.88 -11.71 -18.00
C THR B 478 31.78 -12.22 -19.14
N THR B 479 31.25 -13.06 -20.02
CA THR B 479 32.01 -13.52 -21.21
C THR B 479 31.66 -12.64 -22.40
N PHE B 480 32.49 -12.71 -23.45
CA PHE B 480 32.21 -12.03 -24.72
C PHE B 480 30.83 -12.42 -25.26
N LEU B 481 30.49 -13.71 -25.27
CA LEU B 481 29.19 -14.20 -25.79
C LEU B 481 28.05 -13.66 -24.90
N GLU B 482 28.17 -13.71 -23.57
CA GLU B 482 27.11 -13.14 -22.70
C GLU B 482 26.89 -11.67 -23.08
N ARG B 483 27.94 -10.91 -23.36
CA ARG B 483 27.83 -9.46 -23.59
C ARG B 483 27.20 -9.22 -24.96
N HIS B 484 27.48 -10.05 -25.98
CA HIS B 484 27.18 -9.70 -27.39
C HIS B 484 26.15 -10.63 -28.07
N LEU B 485 25.76 -11.76 -27.50
CA LEU B 485 24.71 -12.56 -28.14
C LEU B 485 23.44 -11.73 -28.26
N PRO B 486 22.73 -11.87 -29.38
CA PRO B 486 21.49 -11.14 -29.56
C PRO B 486 20.38 -11.67 -28.64
N SER B 487 19.42 -10.80 -28.39
CA SER B 487 18.09 -11.16 -27.86
C SER B 487 17.33 -12.00 -28.90
N VAL B 488 16.20 -12.57 -28.53
CA VAL B 488 15.34 -13.31 -29.49
C VAL B 488 14.89 -12.29 -30.56
N PRO B 489 14.29 -11.13 -30.23
CA PRO B 489 13.85 -10.20 -31.29
C PRO B 489 15.06 -9.71 -32.08
N GLY B 490 16.24 -9.62 -31.44
CA GLY B 490 17.54 -9.37 -32.10
C GLY B 490 17.86 -10.42 -33.16
N LEU B 491 17.74 -11.71 -32.85
CA LEU B 491 18.07 -12.80 -33.79
C LEU B 491 17.07 -12.74 -34.96
N LEU B 492 15.83 -12.31 -34.70
CA LEU B 492 14.75 -12.19 -35.72
C LEU B 492 15.02 -10.97 -36.63
N ARG B 493 15.46 -9.82 -36.08
CA ARG B 493 15.77 -8.60 -36.88
C ARG B 493 16.86 -8.98 -37.90
N LEU B 494 17.81 -9.84 -37.52
CA LEU B 494 18.80 -10.45 -38.46
C LEU B 494 18.16 -11.49 -39.40
N ILE B 495 16.83 -11.49 -39.60
CA ILE B 495 16.09 -12.48 -40.46
C ILE B 495 14.82 -11.84 -41.05
#